data_9R0G
#
_entry.id   9R0G
#
_cell.length_a   230.585
_cell.length_b   94.048
_cell.length_c   54.860
_cell.angle_alpha   90.00
_cell.angle_beta   90.00
_cell.angle_gamma   90.00
#
_symmetry.space_group_name_H-M   'P 21 21 2'
#
loop_
_entity.id
_entity.type
_entity.pdbx_description
1 polymer "5'-nucleotidase"
2 non-polymer 'ZINC ION'
3 non-polymer 'CALCIUM ION'
4 non-polymer 2-acetamido-2-deoxy-beta-D-glucopyranose
5 non-polymer '[(2~{R})-2-[[(2~{R},3~{S},4~{R},5~{R})-5-[6-chloranyl-4-(cyclopentylamino)pyrazolo[3,4-d]pyrimidin-1-yl]-3,4-bis(oxidanyl)oxolan-2-yl]methoxy]-1-oxidanyl-3-(2~{H}-1,2,3,4-tetrazol-5-yl)propan-2-yl]phosphonic acid'
6 non-polymer 'PHOSPHATE ION'
7 water water
#
_entity_poly.entity_id   1
_entity_poly.type   'polypeptide(L)'
_entity_poly.pdbx_seq_one_letter_code
;LASMWELTILHTNDVHSRLEQTSEDSSKCVDASRCMGGVARLFTKVQQIRRAEPNVLLLDAGDQYQGTIWFTVYKGAEVA
HFMNALRYDAMALGNHEFDNGVEGLIEPLLKEAKFPILSANIKAKGPLASQISGLYLPYKVLPVGDEVVGIVGYTSKETP
FLSNPGTNLVFEDEITALQPEVDKLKTLNVNKIIALGHSGFEMDKLIAQKVRGVDVVVGGHSNTFLYTGNPPSKEVPAGK
YPFIVTSDDGRKVPVVQAYAFGKYLGYLKIEFDERGNVISSHGNPILLNSSIPEDPSIKADINKWRIKLDDYSTQELGKT
IVYLDGSSQSCRFRECNMGNLICDAMINNNLRHTDEMFWNHVSMCILNGGGIRSPIDERNDGTITWENLAAVLPFGGTFD
LVQLKGSTLKKAFEHSVHRYGQSTGEFLQVGGIHVVYDLSRKPGDRVVKLDVLCTKCRVPSYDPLKMDEVYKVILPNFLA
NGGDGFQMIKDELLRHDSGDQDINVVSTYISKMKVIYPAVEGRIKFSHHHHHH
;
_entity_poly.pdbx_strand_id   A,B
#
loop_
_chem_comp.id
_chem_comp.type
_chem_comp.name
_chem_comp.formula
A1JCG non-polymer '[(2~{R})-2-[[(2~{R},3~{S},4~{R},5~{R})-5-[6-chloranyl-4-(cyclopentylamino)pyrazolo[3,4-d]pyrimidin-1-yl]-3,4-bis(oxidanyl)oxolan-2-yl]methoxy]-1-oxidanyl-3-(2~{H}-1,2,3,4-tetrazol-5-yl)propan-2-yl]phosphonic acid' 'C19 H27 Cl N9 O8 P'
CA non-polymer 'CALCIUM ION' 'Ca 2'
NAG D-saccharide, beta linking 2-acetamido-2-deoxy-beta-D-glucopyranose 'C8 H15 N O6'
PO4 non-polymer 'PHOSPHATE ION' 'O4 P -3'
ZN non-polymer 'ZINC ION' 'Zn 2'
#
# COMPACT_ATOMS: atom_id res chain seq x y z
N SER A 3 30.64 19.22 -58.02
CA SER A 3 31.20 19.68 -56.70
C SER A 3 30.19 19.58 -55.54
N MET A 4 30.73 19.37 -54.34
CA MET A 4 29.95 19.11 -53.13
C MET A 4 30.46 19.96 -51.97
N TRP A 5 29.54 20.27 -51.06
CA TRP A 5 29.80 21.08 -49.88
C TRP A 5 29.23 20.34 -48.68
N GLU A 6 30.10 19.96 -47.73
CA GLU A 6 29.69 19.12 -46.60
C GLU A 6 29.48 19.96 -45.37
N LEU A 7 28.30 19.84 -44.76
CA LEU A 7 27.96 20.48 -43.48
C LEU A 7 27.84 19.42 -42.38
N THR A 8 28.39 19.74 -41.21
CA THR A 8 28.29 18.89 -40.03
C THR A 8 27.38 19.60 -39.03
N ILE A 9 26.21 19.00 -38.76
CA ILE A 9 25.29 19.54 -37.77
C ILE A 9 25.50 18.75 -36.48
N LEU A 10 25.99 19.47 -35.47
CA LEU A 10 25.97 19.04 -34.08
C LEU A 10 24.75 19.61 -33.37
N HIS A 11 24.00 18.75 -32.68
CA HIS A 11 22.73 19.17 -32.10
C HIS A 11 22.36 18.51 -30.76
N THR A 12 21.97 19.37 -29.79
CA THR A 12 21.35 18.98 -28.53
C THR A 12 19.89 19.43 -28.48
N ASN A 13 19.12 18.76 -27.62
CA ASN A 13 17.75 19.15 -27.34
C ASN A 13 17.32 18.62 -25.98
N ASP A 14 16.42 19.36 -25.32
CA ASP A 14 15.87 18.98 -24.01
C ASP A 14 16.95 18.58 -22.98
N VAL A 15 18.01 19.40 -22.94
CA VAL A 15 19.12 19.26 -21.99
C VAL A 15 18.59 19.39 -20.56
N HIS A 16 17.58 20.25 -20.37
CA HIS A 16 16.86 20.38 -19.12
C HIS A 16 17.77 20.52 -17.88
N SER A 17 18.67 21.50 -17.98
CA SER A 17 19.54 21.91 -16.86
C SER A 17 20.47 20.82 -16.33
N ARG A 18 20.86 19.89 -17.20
CA ARG A 18 21.84 18.85 -16.86
C ARG A 18 23.21 19.43 -17.18
N LEU A 19 23.63 20.43 -16.41
CA LEU A 19 24.88 21.17 -16.63
C LEU A 19 26.07 20.29 -16.27
N GLU A 20 25.95 19.62 -15.12
CA GLU A 20 26.90 18.61 -14.70
C GLU A 20 26.56 17.28 -15.31
N GLN A 21 27.55 16.38 -15.27
CA GLN A 21 27.39 14.99 -15.73
C GLN A 21 26.43 14.27 -14.79
N THR A 22 25.79 13.25 -15.33
CA THR A 22 24.68 12.56 -14.71
C THR A 22 24.96 11.06 -14.72
N SER A 23 24.17 10.32 -13.94
CA SER A 23 24.09 8.86 -14.08
C SER A 23 23.47 8.50 -15.45
N GLU A 24 23.62 7.23 -15.84
CA GLU A 24 23.07 6.68 -17.11
C GLU A 24 21.60 7.08 -17.38
N ASP A 25 20.78 7.04 -16.32
CA ASP A 25 19.36 7.46 -16.33
C ASP A 25 19.08 8.98 -16.18
N SER A 26 20.13 9.81 -16.15
CA SER A 26 20.05 11.27 -16.00
C SER A 26 19.79 11.84 -14.59
N SER A 27 19.69 10.98 -13.56
CA SER A 27 19.72 11.39 -12.15
C SER A 27 21.13 11.86 -11.76
N LYS A 28 21.29 12.40 -10.56
CA LYS A 28 22.58 12.94 -10.08
C LYS A 28 23.75 11.96 -10.23
N CYS A 29 24.93 12.49 -10.54
CA CYS A 29 26.16 11.69 -10.61
C CYS A 29 26.64 11.30 -9.22
N VAL A 30 26.81 9.99 -9.00
CA VAL A 30 27.42 9.45 -7.77
C VAL A 30 28.71 8.70 -8.11
N ASP A 31 28.61 7.64 -8.92
CA ASP A 31 29.78 6.86 -9.37
C ASP A 31 30.33 7.54 -10.62
N ALA A 32 31.31 8.43 -10.41
CA ALA A 32 31.90 9.25 -11.50
C ALA A 32 32.48 8.47 -12.69
N SER A 33 33.02 7.28 -12.43
CA SER A 33 33.53 6.37 -13.47
C SER A 33 32.51 5.95 -14.56
N ARG A 34 31.22 5.89 -14.20
CA ARG A 34 30.11 5.52 -15.11
C ARG A 34 29.17 6.67 -15.49
N CYS A 35 29.50 7.91 -15.12
CA CYS A 35 28.65 9.08 -15.41
C CYS A 35 28.81 9.54 -16.85
N MET A 36 27.83 10.32 -17.29
CA MET A 36 27.62 10.67 -18.69
C MET A 36 27.13 12.10 -18.86
N GLY A 37 27.40 12.65 -20.04
CA GLY A 37 26.90 13.97 -20.42
C GLY A 37 27.49 15.12 -19.64
N GLY A 38 26.69 16.18 -19.47
CA GLY A 38 27.12 17.44 -18.87
C GLY A 38 27.86 18.30 -19.86
N VAL A 39 27.90 19.60 -19.59
CA VAL A 39 28.40 20.57 -20.54
C VAL A 39 29.93 20.54 -20.76
N ALA A 40 30.70 20.19 -19.73
CA ALA A 40 32.17 20.04 -19.87
C ALA A 40 32.58 18.91 -20.84
N ARG A 41 31.84 17.81 -20.81
CA ARG A 41 32.11 16.65 -21.66
C ARG A 41 31.69 16.94 -23.09
N LEU A 42 30.51 17.55 -23.25
CA LEU A 42 30.03 18.01 -24.55
C LEU A 42 31.07 18.88 -25.24
N PHE A 43 31.62 19.85 -24.51
CA PHE A 43 32.65 20.76 -25.07
C PHE A 43 33.86 20.01 -25.63
N THR A 44 34.31 18.94 -24.95
CA THR A 44 35.41 18.12 -25.44
C THR A 44 35.05 17.49 -26.80
N LYS A 45 33.87 16.90 -26.89
CA LYS A 45 33.41 16.25 -28.13
C LYS A 45 33.17 17.25 -29.29
N VAL A 46 32.64 18.42 -28.95
CA VAL A 46 32.43 19.52 -29.91
C VAL A 46 33.75 19.98 -30.52
N GLN A 47 34.77 20.18 -29.67
CA GLN A 47 36.06 20.62 -30.15
C GLN A 47 36.74 19.58 -31.02
N GLN A 48 36.68 18.31 -30.63
CA GLN A 48 37.16 17.16 -31.45
C GLN A 48 36.60 17.16 -32.87
N ILE A 49 35.32 17.47 -33.02
CA ILE A 49 34.66 17.51 -34.33
C ILE A 49 35.06 18.79 -35.08
N ARG A 50 34.99 19.95 -34.40
CA ARG A 50 35.38 21.24 -35.02
C ARG A 50 36.79 21.29 -35.59
N ARG A 51 37.75 20.74 -34.84
CA ARG A 51 39.13 20.61 -35.32
C ARG A 51 39.32 19.71 -36.57
N ALA A 52 38.42 18.73 -36.75
CA ALA A 52 38.42 17.76 -37.87
C ALA A 52 37.58 18.15 -39.10
N GLU A 53 36.48 18.89 -38.90
CA GLU A 53 35.51 19.23 -39.96
C GLU A 53 35.52 20.74 -40.20
N PRO A 54 35.60 21.19 -41.47
CA PRO A 54 35.66 22.63 -41.75
C PRO A 54 34.33 23.40 -41.61
N ASN A 55 33.19 22.77 -41.90
CA ASN A 55 31.87 23.43 -41.87
C ASN A 55 30.96 22.79 -40.79
N VAL A 56 30.87 23.45 -39.63
CA VAL A 56 30.23 22.91 -38.42
C VAL A 56 29.25 23.92 -37.84
N LEU A 57 28.03 23.44 -37.51
CA LEU A 57 27.04 24.20 -36.76
C LEU A 57 26.65 23.42 -35.50
N LEU A 58 26.68 24.11 -34.35
CA LEU A 58 26.24 23.57 -33.09
C LEU A 58 24.89 24.23 -32.78
N LEU A 59 23.83 23.41 -32.77
CA LEU A 59 22.45 23.92 -32.65
C LEU A 59 21.77 23.32 -31.44
N ASP A 60 20.92 24.11 -30.77
CA ASP A 60 20.02 23.61 -29.73
C ASP A 60 18.55 23.77 -30.14
N ALA A 61 17.75 22.72 -29.93
CA ALA A 61 16.31 22.71 -30.28
C ALA A 61 15.39 22.96 -29.06
N GLY A 62 15.86 23.71 -28.07
CA GLY A 62 15.04 24.15 -26.94
C GLY A 62 15.03 23.25 -25.71
N ASP A 63 14.28 23.69 -24.70
CA ASP A 63 14.17 23.03 -23.39
C ASP A 63 15.55 22.86 -22.70
N GLN A 64 16.38 23.90 -22.77
CA GLN A 64 17.54 24.03 -21.85
C GLN A 64 17.02 24.32 -20.44
N TYR A 65 16.05 25.22 -20.35
CA TYR A 65 15.36 25.58 -19.10
C TYR A 65 14.74 24.36 -18.40
N GLN A 66 14.97 24.29 -17.08
CA GLN A 66 14.23 23.51 -16.10
C GLN A 66 14.69 22.05 -16.03
N GLY A 67 14.96 21.58 -14.81
CA GLY A 67 15.26 20.18 -14.53
C GLY A 67 16.08 19.84 -13.31
N THR A 68 16.91 20.76 -12.83
CA THR A 68 17.76 20.57 -11.64
C THR A 68 17.86 21.89 -10.87
N ILE A 69 18.49 21.84 -9.69
CA ILE A 69 18.80 23.04 -8.87
C ILE A 69 19.59 24.14 -9.57
N TRP A 70 20.39 23.78 -10.59
CA TRP A 70 21.07 24.74 -11.48
C TRP A 70 20.12 25.82 -11.99
N PHE A 71 18.98 25.40 -12.53
CA PHE A 71 17.95 26.33 -12.99
C PHE A 71 17.12 26.95 -11.84
N THR A 72 16.87 26.20 -10.77
CA THR A 72 16.21 26.76 -9.59
C THR A 72 16.99 27.96 -9.01
N VAL A 73 18.31 27.81 -8.91
CA VAL A 73 19.19 28.86 -8.36
C VAL A 73 19.50 29.96 -9.38
N TYR A 74 20.06 29.56 -10.54
CA TYR A 74 20.57 30.51 -11.55
C TYR A 74 19.57 31.04 -12.59
N LYS A 75 18.43 30.37 -12.74
CA LYS A 75 17.25 30.89 -13.47
C LYS A 75 17.49 31.26 -14.96
N GLY A 76 18.39 30.53 -15.61
CA GLY A 76 18.78 30.77 -17.02
C GLY A 76 20.12 31.46 -17.25
N ALA A 77 20.72 32.05 -16.22
CA ALA A 77 22.08 32.62 -16.34
C ALA A 77 23.15 31.55 -16.63
N GLU A 78 23.00 30.38 -16.01
CA GLU A 78 23.83 29.19 -16.33
C GLU A 78 23.69 28.70 -17.78
N VAL A 79 22.48 28.83 -18.32
CA VAL A 79 22.18 28.44 -19.69
C VAL A 79 22.91 29.41 -20.65
N ALA A 80 22.65 30.71 -20.51
CA ALA A 80 23.36 31.76 -21.24
C ALA A 80 24.88 31.56 -21.16
N HIS A 81 25.39 31.45 -19.93
CA HIS A 81 26.84 31.35 -19.69
C HIS A 81 27.51 30.14 -20.35
N PHE A 82 27.00 28.95 -20.10
CA PHE A 82 27.65 27.72 -20.58
C PHE A 82 27.38 27.43 -22.06
N MET A 83 26.21 27.80 -22.58
CA MET A 83 25.98 27.75 -24.04
C MET A 83 26.91 28.72 -24.79
N ASN A 84 27.16 29.91 -24.23
CA ASN A 84 28.14 30.85 -24.77
C ASN A 84 29.58 30.29 -24.76
N ALA A 85 29.96 29.65 -23.66
CA ALA A 85 31.28 28.99 -23.53
C ALA A 85 31.47 27.88 -24.59
N LEU A 86 30.40 27.11 -24.85
CA LEU A 86 30.38 26.11 -25.93
C LEU A 86 30.30 26.67 -27.35
N ARG A 87 29.94 27.95 -27.49
CA ARG A 87 29.83 28.65 -28.76
C ARG A 87 28.79 27.99 -29.68
N TYR A 88 27.58 27.81 -29.14
CA TYR A 88 26.40 27.41 -29.96
C TYR A 88 26.18 28.46 -31.06
N ASP A 89 25.81 27.99 -32.24
CA ASP A 89 25.60 28.89 -33.38
C ASP A 89 24.17 29.42 -33.42
N ALA A 90 23.21 28.63 -32.95
CA ALA A 90 21.83 29.06 -32.80
C ALA A 90 21.03 28.14 -31.86
N MET A 91 19.92 28.66 -31.32
CA MET A 91 18.98 27.93 -30.49
C MET A 91 17.54 28.26 -30.89
N ALA A 92 16.66 27.27 -30.81
CA ALA A 92 15.21 27.47 -30.92
C ALA A 92 14.55 27.52 -29.55
N LEU A 93 13.57 28.42 -29.39
CA LEU A 93 12.81 28.51 -28.13
C LEU A 93 11.93 27.29 -27.98
N GLY A 94 12.08 26.61 -26.86
CA GLY A 94 11.19 25.53 -26.45
C GLY A 94 10.12 26.05 -25.52
N ASN A 95 9.24 25.15 -25.11
CA ASN A 95 8.13 25.46 -24.19
C ASN A 95 8.63 25.82 -22.78
N HIS A 96 9.63 25.11 -22.27
CA HIS A 96 10.17 25.38 -20.92
C HIS A 96 10.96 26.68 -20.77
N GLU A 97 11.41 27.28 -21.87
CA GLU A 97 12.00 28.63 -21.87
C GLU A 97 11.08 29.76 -21.37
N PHE A 98 9.77 29.54 -21.38
CA PHE A 98 8.75 30.46 -20.84
C PHE A 98 8.24 30.12 -19.42
N ASP A 99 8.90 29.18 -18.72
CA ASP A 99 8.44 28.71 -17.39
C ASP A 99 8.46 29.78 -16.28
N ASN A 100 9.42 30.71 -16.35
CA ASN A 100 9.48 31.85 -15.41
C ASN A 100 8.95 33.14 -16.05
N GLY A 101 7.93 33.01 -16.92
CA GLY A 101 7.39 34.14 -17.64
C GLY A 101 8.25 34.60 -18.79
N VAL A 102 7.81 35.70 -19.40
CA VAL A 102 8.53 36.33 -20.50
C VAL A 102 9.75 37.08 -19.94
N GLU A 103 9.61 37.72 -18.77
CA GLU A 103 10.74 38.29 -18.03
C GLU A 103 11.84 37.28 -17.67
N GLY A 104 11.43 36.05 -17.34
CA GLY A 104 12.37 34.94 -17.13
C GLY A 104 13.12 34.45 -18.36
N LEU A 105 12.58 34.72 -19.55
CA LEU A 105 13.26 34.48 -20.83
C LEU A 105 14.17 35.64 -21.24
N ILE A 106 13.65 36.87 -21.18
CA ILE A 106 14.36 38.08 -21.68
C ILE A 106 15.64 38.39 -20.89
N GLU A 107 15.51 38.61 -19.59
CA GLU A 107 16.61 39.19 -18.79
C GLU A 107 17.78 38.24 -18.54
N PRO A 108 17.51 36.94 -18.29
CA PRO A 108 18.63 35.98 -18.24
C PRO A 108 19.14 35.63 -19.64
N LEU A 109 18.32 35.03 -20.49
CA LEU A 109 18.80 34.34 -21.69
C LEU A 109 18.96 35.22 -22.93
N LEU A 110 17.86 35.84 -23.37
CA LEU A 110 17.86 36.62 -24.62
C LEU A 110 18.82 37.82 -24.64
N LYS A 111 18.95 38.52 -23.51
CA LYS A 111 19.91 39.63 -23.36
C LYS A 111 21.38 39.22 -23.19
N GLU A 112 21.66 38.03 -22.65
CA GLU A 112 23.04 37.58 -22.38
C GLU A 112 23.63 36.60 -23.41
N ALA A 113 22.78 35.95 -24.22
CA ALA A 113 23.24 35.01 -25.25
C ALA A 113 23.98 35.73 -26.40
N LYS A 114 25.16 35.20 -26.76
CA LYS A 114 25.99 35.73 -27.87
C LYS A 114 25.67 35.08 -29.23
N PHE A 115 24.59 34.30 -29.29
CA PHE A 115 24.12 33.61 -30.49
C PHE A 115 22.61 33.87 -30.68
N PRO A 116 22.11 33.75 -31.92
CA PRO A 116 20.69 33.98 -32.18
C PRO A 116 19.77 32.95 -31.53
N ILE A 117 18.65 33.42 -30.99
CA ILE A 117 17.58 32.58 -30.45
C ILE A 117 16.36 32.74 -31.34
N LEU A 118 15.72 31.62 -31.70
CA LEU A 118 14.83 31.56 -32.85
C LEU A 118 13.43 31.00 -32.60
N SER A 119 12.41 31.71 -33.09
CA SER A 119 11.07 31.17 -33.26
C SER A 119 10.27 32.01 -34.25
N ALA A 120 9.83 31.39 -35.34
CA ALA A 120 9.10 32.03 -36.44
C ALA A 120 7.59 32.04 -36.27
N ASN A 121 7.07 31.17 -35.40
CA ASN A 121 5.62 31.11 -35.10
C ASN A 121 5.19 31.72 -33.75
N ILE A 122 6.10 32.42 -33.05
CA ILE A 122 5.74 33.21 -31.85
C ILE A 122 5.68 34.66 -32.29
N LYS A 123 4.48 35.24 -32.26
CA LYS A 123 4.28 36.66 -32.56
C LYS A 123 3.94 37.42 -31.29
N ALA A 124 4.61 38.58 -31.13
CA ALA A 124 4.45 39.47 -29.98
C ALA A 124 3.47 40.61 -30.32
N LYS A 125 2.52 40.86 -29.42
CA LYS A 125 1.54 41.95 -29.52
C LYS A 125 1.53 42.79 -28.23
N GLY A 126 0.80 43.89 -28.23
CA GLY A 126 0.68 44.77 -27.06
C GLY A 126 1.96 45.53 -26.75
N PRO A 127 2.15 45.95 -25.46
CA PRO A 127 3.45 46.51 -25.00
C PRO A 127 4.69 45.62 -25.20
N LEU A 128 4.49 44.30 -25.15
CA LEU A 128 5.56 43.32 -25.32
C LEU A 128 6.30 43.37 -26.68
N ALA A 129 5.62 43.80 -27.76
CA ALA A 129 6.20 43.80 -29.13
C ALA A 129 7.53 44.58 -29.26
N SER A 130 7.50 45.83 -28.80
CA SER A 130 8.70 46.70 -28.78
C SER A 130 9.76 46.29 -27.74
N GLN A 131 9.29 45.77 -26.60
CA GLN A 131 10.15 45.22 -25.52
C GLN A 131 11.03 44.04 -25.95
N ILE A 132 10.44 43.08 -26.66
CA ILE A 132 11.12 41.87 -27.15
C ILE A 132 11.53 41.92 -28.65
N SER A 133 11.43 43.09 -29.30
CA SER A 133 11.83 43.28 -30.71
C SER A 133 13.33 43.00 -30.92
N GLY A 134 13.64 41.98 -31.74
CA GLY A 134 15.02 41.63 -32.06
C GLY A 134 15.77 40.79 -31.04
N LEU A 135 15.20 40.55 -29.86
CA LEU A 135 15.83 39.73 -28.83
C LEU A 135 15.71 38.25 -29.18
N TYR A 136 14.62 37.87 -29.87
CA TYR A 136 14.55 36.63 -30.65
C TYR A 136 14.11 36.97 -32.09
N LEU A 137 14.41 36.06 -33.02
CA LEU A 137 14.19 36.25 -34.47
C LEU A 137 13.43 35.06 -35.09
N PRO A 138 12.75 35.26 -36.24
CA PRO A 138 12.16 34.10 -36.93
C PRO A 138 13.22 33.19 -37.57
N TYR A 139 14.23 33.80 -38.19
CA TYR A 139 15.38 33.08 -38.75
C TYR A 139 16.69 33.80 -38.45
N LYS A 140 17.80 33.11 -38.73
CA LYS A 140 19.12 33.72 -38.88
C LYS A 140 19.82 33.08 -40.09
N VAL A 141 20.55 33.92 -40.84
CA VAL A 141 21.38 33.47 -41.96
C VAL A 141 22.83 33.52 -41.47
N LEU A 142 23.42 32.33 -41.30
CA LEU A 142 24.75 32.19 -40.70
C LEU A 142 25.81 31.94 -41.77
N PRO A 143 26.93 32.69 -41.74
CA PRO A 143 28.07 32.26 -42.57
C PRO A 143 28.71 30.97 -42.06
N VAL A 144 28.99 30.06 -42.99
CA VAL A 144 29.68 28.79 -42.74
C VAL A 144 30.65 28.62 -43.93
N GLY A 145 31.94 28.82 -43.67
CA GLY A 145 32.94 28.93 -44.73
C GLY A 145 32.58 30.04 -45.70
N ASP A 146 32.60 29.71 -46.98
CA ASP A 146 32.25 30.64 -48.06
C ASP A 146 30.76 30.57 -48.49
N GLU A 147 29.96 29.72 -47.84
CA GLU A 147 28.50 29.65 -48.03
C GLU A 147 27.76 30.34 -46.87
N VAL A 148 26.44 30.44 -47.04
CA VAL A 148 25.51 30.79 -45.96
C VAL A 148 24.47 29.67 -45.78
N VAL A 149 24.03 29.47 -44.54
CA VAL A 149 22.97 28.52 -44.19
C VAL A 149 21.94 29.30 -43.39
N GLY A 150 20.68 29.22 -43.85
CA GLY A 150 19.53 29.78 -43.15
C GLY A 150 19.07 28.78 -42.09
N ILE A 151 18.81 29.30 -40.90
CA ILE A 151 18.21 28.51 -39.83
C ILE A 151 16.94 29.23 -39.47
N VAL A 152 15.84 28.49 -39.48
CA VAL A 152 14.52 29.05 -39.20
C VAL A 152 13.95 28.28 -38.00
N GLY A 153 13.39 29.05 -37.06
CA GLY A 153 12.98 28.54 -35.76
C GLY A 153 11.52 28.18 -35.66
N TYR A 154 11.18 27.27 -34.73
CA TYR A 154 9.79 27.05 -34.35
C TYR A 154 9.62 26.48 -32.93
N THR A 155 8.41 26.67 -32.39
CA THR A 155 8.08 26.34 -31.00
C THR A 155 6.67 25.75 -30.93
N SER A 156 6.49 24.77 -30.03
CA SER A 156 5.24 24.04 -29.85
C SER A 156 4.02 24.96 -29.66
N LYS A 157 2.94 24.65 -30.39
CA LYS A 157 1.61 25.28 -30.23
C LYS A 157 1.01 25.02 -28.83
N GLU A 158 1.43 23.92 -28.17
CA GLU A 158 1.04 23.61 -26.79
C GLU A 158 1.72 24.45 -25.68
N THR A 159 2.69 25.31 -26.02
CA THR A 159 3.39 26.14 -25.02
C THR A 159 2.53 26.94 -24.00
N PRO A 160 1.42 27.60 -24.45
CA PRO A 160 0.51 28.26 -23.47
C PRO A 160 -0.15 27.32 -22.46
N PHE A 161 -0.38 26.06 -22.86
CA PHE A 161 -0.99 25.03 -22.02
C PHE A 161 0.03 24.27 -21.16
N LEU A 162 1.33 24.41 -21.46
CA LEU A 162 2.46 23.78 -20.72
C LEU A 162 3.40 24.72 -19.95
N SER A 163 3.27 26.04 -20.15
CA SER A 163 4.20 27.01 -19.56
C SER A 163 3.51 28.35 -19.26
N ASN A 164 4.30 29.40 -18.97
CA ASN A 164 3.79 30.77 -18.70
C ASN A 164 4.23 31.84 -19.72
N PRO A 165 3.90 31.64 -21.02
CA PRO A 165 4.27 32.65 -22.03
C PRO A 165 3.49 33.98 -21.96
N GLY A 166 2.36 34.05 -21.25
CA GLY A 166 1.56 35.28 -21.12
C GLY A 166 0.69 35.53 -22.35
N THR A 167 -0.42 36.23 -22.14
CA THR A 167 -1.44 36.42 -23.20
C THR A 167 -1.10 37.42 -24.34
N ASN A 168 0.06 38.09 -24.28
CA ASN A 168 0.59 38.92 -25.40
C ASN A 168 1.45 38.16 -26.46
N LEU A 169 1.70 36.87 -26.26
CA LEU A 169 2.40 36.02 -27.23
C LEU A 169 1.39 35.08 -27.87
N VAL A 170 1.28 35.15 -29.21
CA VAL A 170 0.43 34.24 -29.97
C VAL A 170 1.33 33.17 -30.61
N PHE A 171 0.94 31.91 -30.46
CA PHE A 171 1.66 30.76 -30.98
C PHE A 171 0.98 30.20 -32.24
N GLU A 172 1.46 30.63 -33.41
CA GLU A 172 0.87 30.25 -34.70
C GLU A 172 1.19 28.79 -35.05
N ASP A 173 0.46 28.28 -36.05
CA ASP A 173 0.77 26.99 -36.68
C ASP A 173 2.17 27.03 -37.31
N GLU A 174 2.91 25.93 -37.16
CA GLU A 174 4.32 25.87 -37.55
C GLU A 174 4.51 25.96 -39.06
N ILE A 175 3.73 25.15 -39.79
CA ILE A 175 3.76 25.12 -41.26
C ILE A 175 3.34 26.47 -41.89
N THR A 176 2.28 27.09 -41.37
CA THR A 176 1.81 28.40 -41.84
C THR A 176 2.81 29.53 -41.57
N ALA A 177 3.46 29.48 -40.40
CA ALA A 177 4.47 30.50 -40.02
C ALA A 177 5.80 30.30 -40.71
N LEU A 178 6.25 29.05 -40.87
CA LEU A 178 7.54 28.74 -41.49
C LEU A 178 7.62 29.00 -43.00
N GLN A 179 6.57 28.65 -43.75
CA GLN A 179 6.64 28.70 -45.23
C GLN A 179 6.99 30.08 -45.81
N PRO A 180 6.32 31.16 -45.35
CA PRO A 180 6.73 32.52 -45.80
C PRO A 180 8.19 32.90 -45.49
N GLU A 181 8.69 32.47 -44.33
CA GLU A 181 10.10 32.73 -43.96
C GLU A 181 11.09 31.98 -44.87
N VAL A 182 10.79 30.71 -45.14
CA VAL A 182 11.57 29.86 -46.05
C VAL A 182 11.54 30.39 -47.50
N ASP A 183 10.37 30.84 -47.96
CA ASP A 183 10.25 31.55 -49.24
C ASP A 183 11.04 32.85 -49.26
N LYS A 184 10.96 33.62 -48.17
CA LYS A 184 11.73 34.88 -48.01
C LYS A 184 13.25 34.63 -48.15
N LEU A 185 13.74 33.57 -47.49
CA LEU A 185 15.15 33.15 -47.60
C LEU A 185 15.59 32.70 -49.01
N LYS A 186 14.70 32.03 -49.73
CA LYS A 186 14.94 31.67 -51.15
C LYS A 186 15.09 32.92 -52.03
N THR A 187 14.23 33.92 -51.82
CA THR A 187 14.30 35.20 -52.56
C THR A 187 15.54 36.02 -52.17
N LEU A 188 16.04 35.81 -50.95
CA LEU A 188 17.36 36.29 -50.51
C LEU A 188 18.57 35.39 -50.90
N ASN A 189 18.40 34.44 -51.84
CA ASN A 189 19.45 33.52 -52.34
C ASN A 189 20.18 32.72 -51.26
N VAL A 190 19.42 32.28 -50.26
CA VAL A 190 19.85 31.29 -49.28
C VAL A 190 19.28 29.95 -49.76
N ASN A 191 20.16 29.11 -50.35
CA ASN A 191 19.76 27.83 -50.94
C ASN A 191 19.81 26.60 -50.00
N LYS A 192 20.39 26.76 -48.80
CA LYS A 192 20.48 25.70 -47.79
C LYS A 192 19.76 26.17 -46.52
N ILE A 193 18.73 25.42 -46.09
CA ILE A 193 17.82 25.84 -45.00
C ILE A 193 17.61 24.70 -43.99
N ILE A 194 17.86 24.99 -42.71
CA ILE A 194 17.65 24.07 -41.59
C ILE A 194 16.44 24.57 -40.82
N ALA A 195 15.50 23.69 -40.53
CA ALA A 195 14.38 23.99 -39.65
C ALA A 195 14.79 23.49 -38.28
N LEU A 196 14.92 24.41 -37.32
CA LEU A 196 15.38 24.11 -35.96
C LEU A 196 14.25 24.46 -34.99
N GLY A 197 13.72 23.47 -34.27
CA GLY A 197 12.61 23.77 -33.37
C GLY A 197 12.12 22.70 -32.45
N HIS A 198 11.02 23.04 -31.79
CA HIS A 198 10.59 22.39 -30.56
C HIS A 198 9.08 22.14 -30.51
N SER A 199 8.66 21.19 -31.35
CA SER A 199 7.27 20.75 -31.43
C SER A 199 7.04 19.24 -31.45
N GLY A 200 8.10 18.42 -31.36
CA GLY A 200 7.97 16.98 -31.35
C GLY A 200 8.17 16.35 -32.71
N PHE A 201 8.59 15.09 -32.67
CA PHE A 201 8.96 14.27 -33.83
C PHE A 201 7.86 14.14 -34.90
N GLU A 202 6.60 14.10 -34.48
CA GLU A 202 5.48 14.04 -35.44
C GLU A 202 5.35 15.35 -36.21
N MET A 203 5.36 16.49 -35.49
CA MET A 203 5.38 17.81 -36.13
C MET A 203 6.63 18.05 -36.97
N ASP A 204 7.78 17.58 -36.51
CA ASP A 204 9.03 17.62 -37.29
C ASP A 204 8.87 16.93 -38.64
N LYS A 205 8.27 15.74 -38.64
CA LYS A 205 7.98 15.00 -39.88
C LYS A 205 7.01 15.74 -40.84
N LEU A 206 5.96 16.35 -40.31
CA LEU A 206 5.04 17.17 -41.09
C LEU A 206 5.70 18.41 -41.70
N ILE A 207 6.61 19.04 -40.95
CA ILE A 207 7.41 20.18 -41.45
C ILE A 207 8.29 19.73 -42.63
N ALA A 208 9.01 18.63 -42.45
CA ALA A 208 9.83 18.01 -43.52
C ALA A 208 9.04 17.75 -44.78
N GLN A 209 7.83 17.22 -44.60
CA GLN A 209 6.91 16.94 -45.71
C GLN A 209 6.38 18.22 -46.37
N LYS A 210 5.74 19.08 -45.58
CA LYS A 210 4.86 20.13 -46.11
C LYS A 210 5.54 21.48 -46.39
N VAL A 211 6.63 21.81 -45.71
CA VAL A 211 7.35 23.10 -45.86
C VAL A 211 8.40 22.98 -46.97
N ARG A 212 8.03 23.41 -48.18
CA ARG A 212 8.90 23.37 -49.38
C ARG A 212 10.10 24.29 -49.19
N GLY A 213 11.30 23.76 -49.43
CA GLY A 213 12.57 24.49 -49.25
C GLY A 213 13.37 24.13 -47.99
N VAL A 214 12.73 23.48 -47.01
CA VAL A 214 13.43 22.93 -45.84
C VAL A 214 14.28 21.72 -46.27
N ASP A 215 15.58 21.79 -46.01
CA ASP A 215 16.52 20.72 -46.34
C ASP A 215 16.72 19.73 -45.20
N VAL A 216 16.68 20.20 -43.95
CA VAL A 216 16.92 19.36 -42.76
C VAL A 216 16.08 19.88 -41.61
N VAL A 217 15.52 18.97 -40.83
CA VAL A 217 14.75 19.29 -39.61
C VAL A 217 15.51 18.77 -38.38
N VAL A 218 15.94 19.69 -37.52
CA VAL A 218 16.58 19.36 -36.24
C VAL A 218 15.53 19.69 -35.16
N GLY A 219 15.08 18.65 -34.45
CA GLY A 219 13.94 18.71 -33.56
C GLY A 219 14.21 18.49 -32.07
N GLY A 220 13.11 18.51 -31.32
CA GLY A 220 13.12 18.23 -29.89
C GLY A 220 11.72 17.95 -29.38
N HIS A 221 11.53 18.12 -28.08
CA HIS A 221 10.23 18.09 -27.38
C HIS A 221 9.67 16.67 -27.11
N SER A 222 9.76 15.74 -28.06
CA SER A 222 9.36 14.33 -27.84
C SER A 222 10.42 13.42 -27.18
N ASN A 223 11.60 13.93 -26.88
CA ASN A 223 12.74 13.16 -26.31
C ASN A 223 13.04 11.88 -27.14
N THR A 224 13.00 12.03 -28.47
CA THR A 224 13.09 10.92 -29.42
C THR A 224 14.54 10.52 -29.63
N PHE A 225 14.80 9.22 -29.54
CA PHE A 225 16.11 8.65 -29.81
C PHE A 225 16.03 7.98 -31.16
N LEU A 226 16.88 8.43 -32.09
CA LEU A 226 17.06 7.82 -33.40
C LEU A 226 18.49 7.28 -33.47
N TYR A 227 18.63 6.08 -34.04
CA TYR A 227 19.93 5.44 -34.22
C TYR A 227 19.91 4.48 -35.41
N THR A 228 21.03 4.42 -36.14
CA THR A 228 21.29 3.45 -37.19
C THR A 228 22.33 2.49 -36.63
N GLY A 229 21.96 1.21 -36.56
CA GLY A 229 22.84 0.15 -36.04
C GLY A 229 22.53 -0.21 -34.60
N ASN A 230 23.51 -0.80 -33.91
CA ASN A 230 23.32 -1.30 -32.55
C ASN A 230 23.43 -0.10 -31.61
N PRO A 231 22.36 0.19 -30.82
CA PRO A 231 22.41 1.39 -29.97
C PRO A 231 23.40 1.21 -28.80
N PRO A 232 24.07 2.30 -28.37
CA PRO A 232 25.14 2.17 -27.35
C PRO A 232 24.71 2.11 -25.88
N SER A 233 23.41 2.29 -25.55
CA SER A 233 22.92 2.38 -24.16
C SER A 233 21.50 1.79 -23.98
N LYS A 234 20.75 2.26 -22.97
CA LYS A 234 19.41 1.74 -22.65
C LYS A 234 18.28 2.25 -23.57
N GLU A 235 18.49 3.33 -24.31
CA GLU A 235 17.41 3.98 -25.06
C GLU A 235 17.14 3.21 -26.34
N VAL A 236 15.87 2.85 -26.56
CA VAL A 236 15.45 2.07 -27.71
C VAL A 236 15.18 3.08 -28.82
N PRO A 237 15.82 2.92 -30.00
CA PRO A 237 15.54 3.87 -31.08
C PRO A 237 14.12 3.76 -31.66
N ALA A 238 13.49 4.92 -31.87
CA ALA A 238 12.17 5.04 -32.55
C ALA A 238 12.25 4.89 -34.08
N GLY A 239 13.41 5.17 -34.66
CA GLY A 239 13.69 4.89 -36.06
C GLY A 239 15.16 5.01 -36.35
N LYS A 240 15.52 5.03 -37.63
CA LYS A 240 16.90 5.24 -38.04
C LYS A 240 17.32 6.70 -37.85
N TYR A 241 18.64 6.91 -37.77
CA TYR A 241 19.23 8.25 -37.75
C TYR A 241 19.98 8.48 -39.06
N PRO A 242 19.70 9.55 -39.82
CA PRO A 242 18.50 10.39 -39.69
C PRO A 242 17.24 9.62 -40.11
N PHE A 243 16.08 10.07 -39.63
CA PHE A 243 14.78 9.61 -40.17
C PHE A 243 14.51 10.36 -41.47
N ILE A 244 14.25 9.63 -42.55
CA ILE A 244 14.04 10.23 -43.90
C ILE A 244 12.55 10.39 -44.20
N VAL A 245 12.10 11.64 -44.37
CA VAL A 245 10.76 11.96 -44.87
C VAL A 245 10.86 12.20 -46.37
N THR A 246 9.88 11.65 -47.09
CA THR A 246 9.65 11.91 -48.49
C THR A 246 8.66 13.07 -48.51
N SER A 247 9.09 14.22 -49.01
CA SER A 247 8.26 15.44 -49.03
C SER A 247 7.27 15.45 -50.19
N ASP A 248 6.39 16.47 -50.19
CA ASP A 248 5.36 16.65 -51.24
C ASP A 248 5.94 16.80 -52.66
N ASP A 249 7.06 17.51 -52.79
CA ASP A 249 7.78 17.65 -54.08
C ASP A 249 8.86 16.55 -54.35
N GLY A 250 8.69 15.36 -53.77
CA GLY A 250 9.58 14.21 -53.99
C GLY A 250 10.98 14.22 -53.35
N ARG A 251 11.24 15.17 -52.46
CA ARG A 251 12.58 15.35 -51.87
C ARG A 251 12.74 14.51 -50.61
N LYS A 252 13.96 13.99 -50.41
CA LYS A 252 14.32 13.26 -49.20
C LYS A 252 14.81 14.28 -48.19
N VAL A 253 14.06 14.45 -47.10
CA VAL A 253 14.40 15.45 -46.04
C VAL A 253 14.77 14.70 -44.76
N PRO A 254 16.06 14.78 -44.32
CA PRO A 254 16.43 14.12 -43.07
C PRO A 254 15.91 14.88 -41.84
N VAL A 255 15.32 14.11 -40.90
CA VAL A 255 14.79 14.59 -39.62
C VAL A 255 15.63 13.97 -38.52
N VAL A 256 16.14 14.80 -37.60
CA VAL A 256 16.95 14.33 -36.47
C VAL A 256 16.44 14.84 -35.11
N GLN A 257 16.80 14.10 -34.07
CA GLN A 257 16.61 14.45 -32.68
C GLN A 257 17.72 13.71 -31.89
N ALA A 258 17.99 14.14 -30.65
CA ALA A 258 19.13 13.59 -29.89
C ALA A 258 18.77 13.25 -28.43
N TYR A 259 17.68 12.49 -28.27
CA TYR A 259 17.10 12.10 -26.97
C TYR A 259 16.91 13.33 -26.05
N ALA A 260 17.69 13.46 -24.99
CA ALA A 260 17.46 14.44 -23.93
C ALA A 260 18.63 14.44 -22.94
N PHE A 261 18.61 15.41 -22.02
CA PHE A 261 19.46 15.44 -20.83
C PHE A 261 20.97 15.59 -21.08
N GLY A 262 21.35 16.01 -22.29
CA GLY A 262 22.74 16.05 -22.76
C GLY A 262 23.55 14.76 -22.69
N LYS A 263 22.86 13.64 -22.80
CA LYS A 263 23.47 12.31 -22.75
C LYS A 263 24.18 12.00 -24.07
N TYR A 264 23.60 12.46 -25.18
CA TYR A 264 24.17 12.35 -26.51
C TYR A 264 24.37 13.73 -27.15
N LEU A 265 25.38 13.80 -28.01
CA LEU A 265 25.47 14.88 -29.00
C LEU A 265 25.01 14.33 -30.34
N GLY A 266 23.95 14.93 -30.90
CA GLY A 266 23.51 14.62 -32.26
C GLY A 266 24.56 15.01 -33.27
N TYR A 267 24.77 14.19 -34.30
CA TYR A 267 25.87 14.39 -35.28
C TYR A 267 25.40 13.93 -36.67
N LEU A 268 25.09 14.89 -37.54
CA LEU A 268 24.66 14.64 -38.92
C LEU A 268 25.64 15.29 -39.91
N LYS A 269 26.25 14.47 -40.78
CA LYS A 269 27.00 14.96 -41.96
C LYS A 269 26.04 15.01 -43.15
N ILE A 270 25.94 16.16 -43.80
CA ILE A 270 25.08 16.37 -44.98
C ILE A 270 25.98 16.82 -46.11
N GLU A 271 25.80 16.22 -47.29
CA GLU A 271 26.48 16.62 -48.51
C GLU A 271 25.48 17.40 -49.37
N PHE A 272 25.82 18.65 -49.66
CA PHE A 272 25.02 19.55 -50.49
C PHE A 272 25.64 19.69 -51.87
N ASP A 273 24.81 19.75 -52.92
CA ASP A 273 25.30 20.23 -54.23
C ASP A 273 25.41 21.76 -54.25
N GLU A 274 25.98 22.29 -55.33
CA GLU A 274 26.15 23.75 -55.51
C GLU A 274 24.85 24.59 -55.43
N ARG A 275 23.69 23.97 -55.72
CA ARG A 275 22.36 24.61 -55.56
C ARG A 275 21.63 24.32 -54.22
N GLY A 276 22.35 23.82 -53.21
CA GLY A 276 21.78 23.54 -51.89
C GLY A 276 20.74 22.44 -51.77
N ASN A 277 20.77 21.47 -52.70
CA ASN A 277 20.03 20.21 -52.54
C ASN A 277 20.86 19.23 -51.72
N VAL A 278 20.20 18.54 -50.80
CA VAL A 278 20.79 17.42 -50.05
C VAL A 278 20.93 16.22 -51.00
N ILE A 279 22.18 15.80 -51.23
CA ILE A 279 22.48 14.63 -52.09
C ILE A 279 22.69 13.36 -51.26
N SER A 280 23.23 13.50 -50.04
CA SER A 280 23.18 12.44 -49.04
C SER A 280 23.37 12.99 -47.63
N SER A 281 23.04 12.14 -46.66
CA SER A 281 23.25 12.44 -45.25
C SER A 281 23.54 11.15 -44.49
N HIS A 282 24.31 11.28 -43.41
CA HIS A 282 24.59 10.16 -42.50
C HIS A 282 25.11 10.67 -41.14
N GLY A 283 25.00 9.79 -40.16
CA GLY A 283 25.61 9.99 -38.85
C GLY A 283 24.93 9.16 -37.78
N ASN A 284 25.05 9.61 -36.55
CA ASN A 284 24.41 8.99 -35.39
C ASN A 284 24.63 9.90 -34.20
N PRO A 285 23.77 9.83 -33.18
CA PRO A 285 24.09 10.53 -31.93
C PRO A 285 25.27 9.86 -31.23
N ILE A 286 26.11 10.67 -30.60
CA ILE A 286 27.37 10.20 -30.01
C ILE A 286 27.14 10.14 -28.51
N LEU A 287 27.29 8.96 -27.92
CA LEU A 287 27.08 8.77 -26.48
C LEU A 287 28.23 9.44 -25.73
N LEU A 288 27.90 10.42 -24.90
CA LEU A 288 28.88 11.17 -24.09
C LEU A 288 29.11 10.41 -22.79
N ASN A 289 29.92 9.37 -22.88
CA ASN A 289 30.27 8.51 -21.73
C ASN A 289 31.72 8.82 -21.23
N SER A 290 32.21 8.05 -20.26
CA SER A 290 33.57 8.21 -19.67
C SER A 290 34.76 8.12 -20.63
N SER A 291 34.57 7.51 -21.81
CA SER A 291 35.57 7.59 -22.91
C SER A 291 35.89 9.00 -23.43
N ILE A 292 35.03 9.99 -23.16
CA ILE A 292 35.27 11.40 -23.52
C ILE A 292 35.51 12.14 -22.21
N PRO A 293 36.71 12.73 -22.02
CA PRO A 293 36.92 13.42 -20.74
C PRO A 293 36.18 14.76 -20.72
N GLU A 294 35.70 15.13 -19.53
CA GLU A 294 35.23 16.50 -19.26
C GLU A 294 36.40 17.47 -19.45
N ASP A 295 36.16 18.54 -20.20
CA ASP A 295 37.16 19.55 -20.48
C ASP A 295 37.61 20.23 -19.18
N PRO A 296 38.93 20.30 -18.90
CA PRO A 296 39.36 20.88 -17.60
C PRO A 296 38.91 22.32 -17.33
N SER A 297 38.92 23.16 -18.36
CA SER A 297 38.53 24.58 -18.25
C SER A 297 37.04 24.80 -17.93
N ILE A 298 36.19 24.15 -18.72
CA ILE A 298 34.74 24.22 -18.52
C ILE A 298 34.36 23.58 -17.19
N LYS A 299 34.98 22.44 -16.84
CA LYS A 299 34.72 21.77 -15.57
C LYS A 299 35.07 22.62 -14.35
N ALA A 300 36.22 23.29 -14.42
CA ALA A 300 36.65 24.26 -13.40
C ALA A 300 35.66 25.43 -13.24
N ASP A 301 35.12 25.89 -14.36
CA ASP A 301 34.07 26.93 -14.37
C ASP A 301 32.75 26.39 -13.78
N ILE A 302 32.37 25.17 -14.17
CA ILE A 302 31.23 24.46 -13.56
C ILE A 302 31.37 24.34 -12.02
N ASN A 303 32.55 23.98 -11.55
CA ASN A 303 32.83 23.88 -10.10
C ASN A 303 32.69 25.21 -9.37
N LYS A 304 33.06 26.31 -10.03
CA LYS A 304 32.94 27.67 -9.48
C LYS A 304 31.46 28.06 -9.30
N TRP A 305 30.66 27.84 -10.34
CA TRP A 305 29.20 28.00 -10.28
C TRP A 305 28.52 27.00 -9.30
N ARG A 306 29.08 25.80 -9.19
CA ARG A 306 28.59 24.75 -8.26
C ARG A 306 28.66 25.09 -6.75
N ILE A 307 29.53 26.03 -6.36
CA ILE A 307 29.71 26.41 -4.93
C ILE A 307 28.39 26.87 -4.30
N LYS A 308 27.66 27.75 -4.99
CA LYS A 308 26.35 28.26 -4.51
C LYS A 308 25.28 27.16 -4.31
N LEU A 309 25.36 26.12 -5.13
CA LEU A 309 24.41 25.00 -5.10
C LEU A 309 24.60 23.97 -3.98
N ASP A 310 25.79 23.89 -3.37
CA ASP A 310 26.10 22.82 -2.37
C ASP A 310 25.33 22.89 -1.02
N ASP A 311 24.61 23.99 -0.77
CA ASP A 311 23.66 24.10 0.35
C ASP A 311 22.46 23.15 0.23
N TYR A 312 22.06 22.85 -1.00
CA TYR A 312 20.88 22.00 -1.33
C TYR A 312 21.15 20.47 -1.27
N SER A 313 22.43 20.06 -1.19
CA SER A 313 22.85 18.64 -1.10
C SER A 313 23.31 18.18 0.32
N THR A 314 23.17 19.04 1.34
CA THR A 314 23.80 18.80 2.65
C THR A 314 23.03 17.72 3.43
N GLN A 315 21.83 18.05 3.90
CA GLN A 315 21.08 17.19 4.83
C GLN A 315 20.47 15.98 4.12
N GLU A 316 20.68 14.77 4.66
CA GLU A 316 19.97 13.56 4.22
C GLU A 316 18.53 13.62 4.75
N LEU A 317 17.56 13.75 3.84
CA LEU A 317 16.14 13.69 4.19
C LEU A 317 15.68 12.26 4.53
N GLY A 318 16.28 11.28 3.86
CA GLY A 318 16.05 9.89 4.19
C GLY A 318 16.82 8.94 3.28
N LYS A 319 16.37 7.70 3.27
CA LYS A 319 16.99 6.61 2.55
C LYS A 319 15.93 5.96 1.65
N THR A 320 16.30 5.56 0.43
CA THR A 320 15.53 4.55 -0.34
C THR A 320 16.36 3.27 -0.45
N ILE A 321 15.68 2.13 -0.33
CA ILE A 321 16.27 0.79 -0.53
C ILE A 321 15.80 0.15 -1.84
N VAL A 322 15.06 0.90 -2.66
CA VAL A 322 14.65 0.46 -3.98
C VAL A 322 14.89 1.60 -4.98
N TYR A 323 15.07 1.25 -6.25
CA TYR A 323 15.18 2.23 -7.33
C TYR A 323 13.84 2.97 -7.47
N LEU A 324 13.88 4.29 -7.35
CA LEU A 324 12.72 5.16 -7.56
C LEU A 324 12.65 5.52 -9.04
N ASP A 325 11.91 4.70 -9.79
CA ASP A 325 11.79 4.82 -11.25
C ASP A 325 10.88 6.01 -11.59
N GLY A 326 11.51 7.15 -11.78
CA GLY A 326 10.87 8.40 -12.25
C GLY A 326 11.26 8.75 -13.69
N SER A 327 11.49 7.72 -14.51
CA SER A 327 11.91 7.91 -15.87
C SER A 327 10.65 8.04 -16.74
N SER A 328 10.73 8.84 -17.80
CA SER A 328 9.63 9.00 -18.78
C SER A 328 9.13 7.71 -19.43
N GLN A 329 10.04 6.78 -19.66
CA GLN A 329 9.72 5.50 -20.32
C GLN A 329 8.81 4.62 -19.48
N SER A 330 8.92 4.74 -18.15
CA SER A 330 7.99 4.08 -17.22
C SER A 330 6.76 4.94 -16.93
N CYS A 331 6.98 6.12 -16.31
CA CYS A 331 5.88 6.95 -15.76
C CYS A 331 4.87 7.51 -16.78
N ARG A 332 5.21 7.56 -18.06
CA ARG A 332 4.27 7.95 -19.13
C ARG A 332 3.63 6.77 -19.88
N PHE A 333 4.03 5.53 -19.56
CA PHE A 333 3.53 4.31 -20.23
C PHE A 333 2.86 3.28 -19.32
N ARG A 334 3.21 3.25 -18.04
CA ARG A 334 2.60 2.35 -17.07
C ARG A 334 2.84 2.85 -15.65
N GLU A 335 2.33 2.10 -14.68
CA GLU A 335 2.60 2.32 -13.26
C GLU A 335 4.11 2.36 -13.01
N CYS A 336 4.56 3.45 -12.40
CA CYS A 336 5.94 3.62 -11.97
C CYS A 336 5.91 3.88 -10.46
N ASN A 337 6.91 3.37 -9.75
CA ASN A 337 6.92 3.45 -8.30
C ASN A 337 7.20 4.85 -7.75
N MET A 338 7.86 5.72 -8.52
CA MET A 338 8.03 7.14 -8.12
C MET A 338 6.65 7.84 -8.06
N GLY A 339 5.78 7.54 -9.02
CA GLY A 339 4.40 8.05 -9.04
C GLY A 339 3.62 7.65 -7.80
N ASN A 340 3.67 6.35 -7.50
CA ASN A 340 3.06 5.78 -6.30
C ASN A 340 3.55 6.44 -5.02
N LEU A 341 4.87 6.64 -4.94
CA LEU A 341 5.50 7.36 -3.81
C LEU A 341 4.94 8.77 -3.66
N ILE A 342 4.95 9.53 -4.75
CA ILE A 342 4.50 10.93 -4.74
C ILE A 342 3.02 11.00 -4.36
N CYS A 343 2.19 10.12 -4.92
CA CYS A 343 0.76 10.07 -4.57
C CYS A 343 0.50 9.69 -3.12
N ASP A 344 1.25 8.72 -2.60
CA ASP A 344 1.18 8.33 -1.18
C ASP A 344 1.62 9.47 -0.25
N ALA A 345 2.66 10.20 -0.65
CA ALA A 345 3.11 11.40 0.05
C ALA A 345 2.07 12.53 0.06
N MET A 346 1.42 12.74 -1.08
CA MET A 346 0.31 13.69 -1.25
C MET A 346 -0.83 13.39 -0.31
N ILE A 347 -1.26 12.14 -0.33
CA ILE A 347 -2.33 11.67 0.55
C ILE A 347 -1.92 11.78 2.03
N ASN A 348 -0.72 11.30 2.36
CA ASN A 348 -0.26 11.28 3.77
C ASN A 348 -0.06 12.65 4.39
N ASN A 349 0.53 13.58 3.63
CA ASN A 349 0.73 14.95 4.10
C ASN A 349 -0.59 15.67 4.39
N ASN A 350 -1.54 15.59 3.46
CA ASN A 350 -2.89 16.19 3.61
C ASN A 350 -3.61 15.83 4.93
N LEU A 351 -3.49 14.56 5.34
CA LEU A 351 -4.10 14.06 6.59
C LEU A 351 -3.49 14.60 7.90
N ARG A 352 -2.32 15.24 7.86
CA ARG A 352 -1.80 16.00 9.01
C ARG A 352 -2.63 17.29 9.30
N HIS A 353 -3.28 17.85 8.27
CA HIS A 353 -4.17 19.03 8.43
C HIS A 353 -5.54 18.61 8.99
N THR A 354 -5.56 18.35 10.30
CA THR A 354 -6.76 17.89 11.02
C THR A 354 -7.76 19.02 11.35
N ASP A 355 -7.25 20.25 11.53
CA ASP A 355 -8.07 21.48 11.65
C ASP A 355 -9.08 21.75 10.51
N GLU A 356 -8.75 21.32 9.29
CA GLU A 356 -9.65 21.42 8.11
C GLU A 356 -10.34 20.07 7.81
N MET A 357 -11.63 19.98 8.16
CA MET A 357 -12.39 18.72 8.17
C MET A 357 -13.05 18.30 6.83
N PHE A 358 -13.03 19.16 5.80
CA PHE A 358 -13.57 18.77 4.47
C PHE A 358 -12.67 17.79 3.71
N TRP A 359 -11.36 17.91 3.89
CA TRP A 359 -10.35 17.07 3.21
C TRP A 359 -9.66 16.00 4.08
N ASN A 360 -10.05 15.86 5.36
CA ASN A 360 -9.36 14.93 6.28
C ASN A 360 -9.59 13.41 6.04
N HIS A 361 -10.42 13.04 5.06
CA HIS A 361 -10.61 11.66 4.59
C HIS A 361 -10.15 11.40 3.15
N VAL A 362 -9.46 12.36 2.51
CA VAL A 362 -9.04 12.22 1.11
C VAL A 362 -8.01 11.09 1.03
N SER A 363 -8.35 10.08 0.23
CA SER A 363 -7.50 8.93 -0.05
C SER A 363 -7.24 8.66 -1.55
N MET A 364 -7.78 9.49 -2.46
CA MET A 364 -7.60 9.34 -3.92
C MET A 364 -6.64 10.40 -4.48
N CYS A 365 -5.78 9.99 -5.42
CA CYS A 365 -4.73 10.87 -5.98
C CYS A 365 -4.57 10.66 -7.47
N ILE A 366 -4.46 11.75 -8.25
CA ILE A 366 -4.01 11.66 -9.65
C ILE A 366 -2.83 12.61 -9.88
N LEU A 367 -1.90 12.15 -10.72
CA LEU A 367 -0.60 12.78 -10.93
C LEU A 367 -0.18 12.53 -12.37
N ASN A 368 0.00 13.60 -13.15
CA ASN A 368 0.46 13.47 -14.53
C ASN A 368 1.91 12.93 -14.55
N GLY A 369 2.10 11.84 -15.30
CA GLY A 369 3.40 11.16 -15.44
C GLY A 369 4.54 12.04 -15.88
N GLY A 370 4.24 12.97 -16.79
CA GLY A 370 5.21 13.94 -17.27
C GLY A 370 5.69 14.96 -16.26
N GLY A 371 4.95 15.14 -15.17
CA GLY A 371 5.39 15.91 -14.01
C GLY A 371 6.51 15.28 -13.20
N ILE A 372 6.70 13.97 -13.33
CA ILE A 372 7.80 13.21 -12.73
C ILE A 372 8.98 13.35 -13.71
N ARG A 373 10.04 14.00 -13.24
CA ARG A 373 11.10 14.52 -14.11
C ARG A 373 12.43 13.79 -14.04
N SER A 374 12.59 12.87 -13.09
CA SER A 374 13.87 12.20 -12.85
C SER A 374 13.68 11.02 -11.91
N PRO A 375 14.49 9.94 -12.11
CA PRO A 375 14.65 8.95 -11.06
C PRO A 375 15.54 9.40 -9.89
N ILE A 376 15.57 8.56 -8.88
CA ILE A 376 16.56 8.63 -7.79
C ILE A 376 17.12 7.22 -7.60
N ASP A 377 18.45 7.15 -7.46
CA ASP A 377 19.18 5.90 -7.38
C ASP A 377 19.25 5.39 -5.93
N GLU A 378 19.27 4.06 -5.78
CA GLU A 378 19.32 3.37 -4.49
C GLU A 378 20.71 2.84 -4.05
N ARG A 379 21.78 3.01 -4.85
CA ARG A 379 23.07 2.28 -4.64
C ARG A 379 24.16 3.01 -3.80
N ASN A 380 23.85 4.17 -3.21
CA ASN A 380 24.83 5.00 -2.44
C ASN A 380 24.49 5.04 -0.97
N ASP A 381 24.06 3.88 -0.45
CA ASP A 381 23.18 3.78 0.73
C ASP A 381 21.90 4.60 0.48
N GLY A 382 21.35 4.44 -0.73
CA GLY A 382 20.31 5.27 -1.36
C GLY A 382 19.88 6.60 -0.73
N THR A 383 20.83 7.52 -0.60
CA THR A 383 20.60 8.83 0.02
C THR A 383 19.68 9.69 -0.84
N ILE A 384 18.79 10.41 -0.15
CA ILE A 384 17.82 11.32 -0.76
C ILE A 384 18.05 12.69 -0.11
N THR A 385 18.65 13.60 -0.86
CA THR A 385 18.83 15.01 -0.48
C THR A 385 17.74 15.85 -1.15
N TRP A 386 17.72 17.15 -0.86
CA TRP A 386 16.82 18.11 -1.51
C TRP A 386 17.09 18.20 -3.03
N GLU A 387 18.37 18.27 -3.41
CA GLU A 387 18.79 18.31 -4.81
C GLU A 387 18.20 17.16 -5.63
N ASN A 388 18.26 15.94 -5.09
CA ASN A 388 17.64 14.75 -5.72
C ASN A 388 16.16 14.97 -5.98
N LEU A 389 15.44 15.42 -4.94
CA LEU A 389 14.02 15.78 -5.04
C LEU A 389 13.68 16.88 -6.04
N ALA A 390 14.51 17.92 -6.08
CA ALA A 390 14.34 19.03 -7.05
C ALA A 390 14.44 18.60 -8.54
N ALA A 391 15.17 17.52 -8.81
CA ALA A 391 15.21 16.89 -10.15
C ALA A 391 13.93 16.16 -10.53
N VAL A 392 13.24 15.59 -9.54
CA VAL A 392 11.96 14.91 -9.74
C VAL A 392 10.82 15.93 -9.88
N LEU A 393 10.87 16.98 -9.06
CA LEU A 393 9.77 17.96 -8.91
C LEU A 393 10.32 19.39 -8.96
N PRO A 394 10.77 19.83 -10.16
CA PRO A 394 11.39 21.14 -10.33
C PRO A 394 10.44 22.34 -10.47
N PHE A 395 9.15 22.09 -10.71
CA PHE A 395 8.21 23.13 -11.19
C PHE A 395 7.68 24.12 -10.16
N GLY A 396 7.87 23.85 -8.86
CA GLY A 396 7.31 24.71 -7.80
C GLY A 396 5.78 24.79 -7.81
N GLY A 397 5.13 23.69 -8.15
CA GLY A 397 3.68 23.57 -8.08
C GLY A 397 3.21 23.28 -6.67
N THR A 398 1.91 23.06 -6.55
CA THR A 398 1.24 22.68 -5.29
C THR A 398 0.33 21.48 -5.55
N PHE A 399 0.14 20.66 -4.50
CA PHE A 399 -0.77 19.51 -4.56
C PHE A 399 -2.14 19.92 -4.01
N ASP A 400 -2.98 20.40 -4.93
CA ASP A 400 -4.30 20.96 -4.64
C ASP A 400 -5.39 19.90 -4.47
N LEU A 401 -6.50 20.33 -3.89
CA LEU A 401 -7.60 19.45 -3.52
C LEU A 401 -8.81 19.81 -4.34
N VAL A 402 -9.42 18.82 -5.00
CA VAL A 402 -10.62 19.04 -5.82
C VAL A 402 -11.75 18.05 -5.51
N GLN A 403 -12.98 18.55 -5.60
CA GLN A 403 -14.19 17.73 -5.56
C GLN A 403 -14.63 17.57 -7.02
N LEU A 404 -14.70 16.31 -7.48
CA LEU A 404 -15.05 15.96 -8.87
C LEU A 404 -16.22 15.00 -8.92
N LYS A 405 -17.08 15.16 -9.93
CA LYS A 405 -18.07 14.14 -10.28
C LYS A 405 -17.36 12.91 -10.87
N GLY A 406 -18.00 11.76 -10.76
CA GLY A 406 -17.49 10.50 -11.31
C GLY A 406 -17.27 10.52 -12.82
N SER A 407 -18.22 11.13 -13.54
CA SER A 407 -18.12 11.31 -15.00
C SER A 407 -16.93 12.19 -15.40
N THR A 408 -16.62 13.22 -14.61
CA THR A 408 -15.39 14.01 -14.78
C THR A 408 -14.16 13.13 -14.66
N LEU A 409 -14.12 12.30 -13.61
CA LEU A 409 -13.01 11.36 -13.37
C LEU A 409 -12.83 10.31 -14.46
N LYS A 410 -13.92 9.72 -14.96
CA LYS A 410 -13.81 8.78 -16.10
C LYS A 410 -13.31 9.49 -17.37
N LYS A 411 -13.81 10.69 -17.65
CA LYS A 411 -13.32 11.51 -18.77
C LYS A 411 -11.81 11.82 -18.66
N ALA A 412 -11.32 12.10 -17.45
CA ALA A 412 -9.88 12.30 -17.21
C ALA A 412 -9.05 11.02 -17.45
N PHE A 413 -9.55 9.88 -16.97
CA PHE A 413 -8.93 8.58 -17.23
C PHE A 413 -8.99 8.12 -18.70
N GLU A 414 -10.01 8.57 -19.45
CA GLU A 414 -10.00 8.40 -20.92
C GLU A 414 -8.96 9.29 -21.62
N HIS A 415 -8.82 10.53 -21.13
CA HIS A 415 -7.80 11.47 -21.63
C HIS A 415 -6.37 10.98 -21.35
N SER A 416 -6.17 10.41 -20.17
CA SER A 416 -4.91 9.72 -19.78
C SER A 416 -4.29 8.80 -20.86
N VAL A 417 -5.12 8.12 -21.64
CA VAL A 417 -4.65 7.19 -22.70
C VAL A 417 -5.22 7.46 -24.10
N HIS A 418 -5.70 8.69 -24.37
CA HIS A 418 -6.38 9.01 -25.64
C HIS A 418 -5.43 8.98 -26.86
N ARG A 419 -4.17 9.40 -26.64
CA ARG A 419 -3.09 9.34 -27.64
C ARG A 419 -1.87 8.58 -27.06
N TYR A 420 -2.14 7.43 -26.44
CA TYR A 420 -1.11 6.59 -25.80
C TYR A 420 -0.06 6.08 -26.80
N GLY A 421 1.17 5.92 -26.32
CA GLY A 421 2.29 5.39 -27.11
C GLY A 421 3.26 6.41 -27.70
N GLN A 422 3.13 7.67 -27.30
CA GLN A 422 3.96 8.79 -27.80
C GLN A 422 4.74 9.57 -26.70
N SER A 423 4.83 9.01 -25.49
CA SER A 423 5.55 9.59 -24.36
C SER A 423 5.09 11.01 -23.99
N THR A 424 3.78 11.23 -24.11
CA THR A 424 3.16 12.48 -23.69
C THR A 424 2.87 12.37 -22.20
N GLY A 425 2.92 13.50 -21.53
CA GLY A 425 2.89 13.54 -20.07
C GLY A 425 1.54 13.35 -19.38
N GLU A 426 0.43 13.37 -20.13
CA GLU A 426 -0.92 13.28 -19.55
C GLU A 426 -1.26 11.94 -18.85
N PHE A 427 -0.54 10.86 -19.16
CA PHE A 427 -0.76 9.54 -18.56
C PHE A 427 -0.66 9.63 -17.03
N LEU A 428 -1.71 9.17 -16.34
CA LEU A 428 -1.89 9.43 -14.90
C LEU A 428 -1.32 8.33 -14.00
N GLN A 429 -0.40 8.72 -13.12
CA GLN A 429 -0.06 7.96 -11.93
C GLN A 429 -1.11 8.24 -10.87
N VAL A 430 -1.37 7.24 -10.01
CA VAL A 430 -2.52 7.24 -9.12
C VAL A 430 -2.22 6.77 -7.70
N GLY A 431 -3.09 7.19 -6.78
CA GLY A 431 -3.22 6.60 -5.42
C GLY A 431 -4.69 6.44 -5.06
N GLY A 432 -5.01 5.39 -4.33
CA GLY A 432 -6.40 5.04 -3.98
C GLY A 432 -7.36 4.81 -5.13
N ILE A 433 -6.82 4.44 -6.30
CA ILE A 433 -7.56 4.19 -7.53
C ILE A 433 -6.92 2.95 -8.15
N HIS A 434 -7.74 1.99 -8.62
CA HIS A 434 -7.31 0.88 -9.47
C HIS A 434 -7.99 1.01 -10.82
N VAL A 435 -7.18 1.26 -11.86
CA VAL A 435 -7.68 1.45 -13.24
C VAL A 435 -7.13 0.33 -14.13
N VAL A 436 -7.95 -0.11 -15.09
CA VAL A 436 -7.57 -1.14 -16.08
C VAL A 436 -7.95 -0.62 -17.46
N TYR A 437 -6.96 -0.49 -18.34
CA TYR A 437 -7.15 -0.02 -19.71
C TYR A 437 -7.16 -1.19 -20.71
N ASP A 438 -7.99 -1.11 -21.76
CA ASP A 438 -7.89 -1.97 -22.95
C ASP A 438 -7.60 -1.05 -24.15
N LEU A 439 -6.35 -1.07 -24.59
CA LEU A 439 -5.85 -0.17 -25.64
C LEU A 439 -6.37 -0.50 -27.06
N SER A 440 -6.78 -1.73 -27.32
CA SER A 440 -7.39 -2.13 -28.62
C SER A 440 -8.74 -1.44 -28.93
N ARG A 441 -9.43 -0.97 -27.88
CA ARG A 441 -10.63 -0.12 -28.02
C ARG A 441 -10.25 1.27 -28.53
N LYS A 442 -11.24 1.99 -29.03
CA LYS A 442 -11.06 3.31 -29.64
C LYS A 442 -10.84 4.38 -28.55
N PRO A 443 -10.10 5.49 -28.85
CA PRO A 443 -9.92 6.59 -27.88
C PRO A 443 -11.22 7.21 -27.38
N GLY A 444 -11.27 7.50 -26.08
CA GLY A 444 -12.50 7.89 -25.38
C GLY A 444 -13.33 6.75 -24.79
N ASP A 445 -12.92 5.49 -25.00
CA ASP A 445 -13.63 4.29 -24.48
C ASP A 445 -12.66 3.15 -24.05
N ARG A 446 -11.43 3.47 -23.67
CA ARG A 446 -10.40 2.47 -23.32
C ARG A 446 -10.39 2.02 -21.85
N VAL A 447 -11.13 2.70 -20.97
CA VAL A 447 -11.20 2.41 -19.54
C VAL A 447 -12.26 1.32 -19.32
N VAL A 448 -11.81 0.10 -19.00
CA VAL A 448 -12.69 -1.08 -18.83
C VAL A 448 -13.03 -1.43 -17.38
N LYS A 449 -12.10 -1.16 -16.45
CA LYS A 449 -12.32 -1.27 -15.01
C LYS A 449 -11.80 0.00 -14.33
N LEU A 450 -12.54 0.53 -13.38
CA LEU A 450 -12.15 1.70 -12.61
C LEU A 450 -12.80 1.62 -11.23
N ASP A 451 -12.01 1.15 -10.26
CA ASP A 451 -12.43 1.00 -8.86
C ASP A 451 -11.67 2.03 -8.03
N VAL A 452 -12.38 2.68 -7.11
CA VAL A 452 -11.81 3.73 -6.25
C VAL A 452 -12.17 3.48 -4.79
N LEU A 453 -11.35 3.98 -3.88
CA LEU A 453 -11.61 3.85 -2.43
C LEU A 453 -12.87 4.60 -2.00
N CYS A 454 -13.79 3.89 -1.36
CA CYS A 454 -15.02 4.49 -0.82
C CYS A 454 -14.70 5.43 0.34
N THR A 455 -15.60 6.38 0.56
CA THR A 455 -15.50 7.36 1.65
C THR A 455 -16.65 7.21 2.70
N LYS A 456 -17.90 6.97 2.26
CA LYS A 456 -19.02 6.59 3.15
C LYS A 456 -18.95 5.07 3.42
N CYS A 457 -17.99 4.68 4.25
CA CYS A 457 -17.71 3.29 4.58
C CYS A 457 -16.70 3.28 5.75
N ARG A 458 -16.89 2.34 6.67
CA ARG A 458 -16.06 2.26 7.87
C ARG A 458 -14.68 1.66 7.56
N VAL A 459 -14.70 0.53 6.84
CA VAL A 459 -13.50 -0.10 6.27
C VAL A 459 -13.38 0.32 4.79
N PRO A 460 -12.31 1.05 4.41
CA PRO A 460 -12.11 1.41 3.01
C PRO A 460 -11.78 0.23 2.10
N SER A 461 -12.54 0.11 1.01
CA SER A 461 -12.32 -0.89 -0.04
C SER A 461 -12.50 -0.24 -1.40
N TYR A 462 -11.92 -0.88 -2.42
CA TYR A 462 -12.00 -0.40 -3.79
C TYR A 462 -13.33 -0.85 -4.40
N ASP A 463 -14.27 0.08 -4.50
CA ASP A 463 -15.58 -0.13 -5.11
C ASP A 463 -15.61 0.50 -6.52
N PRO A 464 -16.42 -0.04 -7.46
CA PRO A 464 -16.52 0.56 -8.80
C PRO A 464 -17.02 2.01 -8.79
N LEU A 465 -16.43 2.84 -9.64
CA LEU A 465 -16.75 4.25 -9.71
C LEU A 465 -18.15 4.42 -10.32
N LYS A 466 -18.99 5.20 -9.65
CA LYS A 466 -20.33 5.55 -10.14
C LYS A 466 -20.22 6.92 -10.82
N MET A 467 -20.92 7.09 -11.95
CA MET A 467 -20.84 8.32 -12.75
C MET A 467 -21.49 9.53 -12.05
N ASP A 468 -22.68 9.30 -11.49
CA ASP A 468 -23.42 10.31 -10.72
C ASP A 468 -22.84 10.66 -9.32
N GLU A 469 -21.97 9.80 -8.75
CA GLU A 469 -21.37 10.04 -7.43
C GLU A 469 -20.25 11.08 -7.51
N VAL A 470 -19.99 11.74 -6.37
CA VAL A 470 -18.97 12.80 -6.22
C VAL A 470 -17.80 12.27 -5.40
N TYR A 471 -16.57 12.57 -5.84
CA TYR A 471 -15.32 12.07 -5.23
C TYR A 471 -14.33 13.21 -4.97
N LYS A 472 -13.52 13.07 -3.91
CA LYS A 472 -12.53 14.07 -3.51
C LYS A 472 -11.15 13.53 -3.89
N VAL A 473 -10.38 14.34 -4.63
CA VAL A 473 -9.09 13.95 -5.21
C VAL A 473 -8.03 15.01 -4.88
N ILE A 474 -6.82 14.55 -4.56
CA ILE A 474 -5.62 15.41 -4.41
C ILE A 474 -4.77 15.28 -5.70
N LEU A 475 -4.37 16.41 -6.25
CA LEU A 475 -3.70 16.45 -7.57
C LEU A 475 -2.84 17.70 -7.72
N PRO A 476 -1.91 17.71 -8.71
CA PRO A 476 -1.14 18.94 -8.94
C PRO A 476 -2.03 20.09 -9.39
N ASN A 477 -1.72 21.32 -8.96
CA ASN A 477 -2.42 22.54 -9.42
C ASN A 477 -2.38 22.73 -10.95
N PHE A 478 -1.32 22.20 -11.57
CA PHE A 478 -1.22 22.06 -13.03
C PHE A 478 -2.45 21.35 -13.62
N LEU A 479 -2.83 20.22 -13.04
CA LEU A 479 -4.03 19.48 -13.49
C LEU A 479 -5.36 20.14 -13.13
N ALA A 480 -5.45 20.72 -11.93
CA ALA A 480 -6.66 21.46 -11.49
C ALA A 480 -6.97 22.69 -12.36
N ASN A 481 -5.91 23.44 -12.73
CA ASN A 481 -6.00 24.59 -13.65
C ASN A 481 -6.09 24.26 -15.17
N GLY A 482 -6.08 22.97 -15.51
CA GLY A 482 -6.40 22.48 -16.85
C GLY A 482 -5.22 22.11 -17.75
N GLY A 483 -4.04 21.88 -17.15
CA GLY A 483 -2.83 21.50 -17.90
C GLY A 483 -2.92 20.11 -18.48
N ASP A 484 -2.05 19.81 -19.45
CA ASP A 484 -2.04 18.54 -20.21
C ASP A 484 -3.37 18.19 -20.91
N GLY A 485 -4.10 19.22 -21.34
CA GLY A 485 -5.44 19.07 -21.93
C GLY A 485 -6.51 18.44 -21.04
N PHE A 486 -6.34 18.56 -19.71
CA PHE A 486 -7.33 18.07 -18.74
C PHE A 486 -8.36 19.18 -18.50
N GLN A 487 -9.09 19.52 -19.56
CA GLN A 487 -10.02 20.64 -19.56
C GLN A 487 -11.29 20.27 -18.79
N MET A 488 -11.67 18.99 -18.82
CA MET A 488 -12.79 18.49 -18.01
C MET A 488 -12.64 18.73 -16.50
N ILE A 489 -11.41 18.72 -15.97
CA ILE A 489 -11.17 18.97 -14.54
C ILE A 489 -11.47 20.44 -14.21
N LYS A 490 -10.83 21.37 -14.92
CA LYS A 490 -10.99 22.82 -14.68
C LYS A 490 -12.43 23.29 -14.81
N ASP A 491 -13.11 22.82 -15.87
CA ASP A 491 -14.50 23.20 -16.16
C ASP A 491 -15.51 22.58 -15.17
N GLU A 492 -15.42 21.27 -14.98
CA GLU A 492 -16.44 20.49 -14.26
C GLU A 492 -16.21 20.27 -12.76
N LEU A 493 -15.10 20.76 -12.18
CA LEU A 493 -14.86 20.61 -10.74
C LEU A 493 -15.83 21.45 -9.91
N LEU A 494 -16.09 20.98 -8.70
CA LEU A 494 -17.09 21.57 -7.77
C LEU A 494 -16.46 22.42 -6.66
N ARG A 495 -15.29 22.01 -6.17
CA ARG A 495 -14.45 22.80 -5.25
C ARG A 495 -13.00 22.69 -5.69
N HIS A 496 -12.21 23.72 -5.37
CA HIS A 496 -10.76 23.74 -5.63
C HIS A 496 -10.00 24.57 -4.59
N ASP A 497 -9.34 23.87 -3.65
CA ASP A 497 -8.51 24.50 -2.62
C ASP A 497 -7.04 24.37 -2.97
N SER A 498 -6.28 25.43 -2.70
CA SER A 498 -4.82 25.42 -2.83
C SER A 498 -4.22 24.51 -1.75
N GLY A 499 -3.14 23.81 -2.12
CA GLY A 499 -2.46 22.87 -1.24
C GLY A 499 -1.13 23.36 -0.72
N ASP A 500 -0.34 22.42 -0.23
CA ASP A 500 1.05 22.64 0.19
C ASP A 500 1.98 22.53 -1.01
N GLN A 501 3.21 23.02 -0.82
CA GLN A 501 4.20 23.10 -1.89
C GLN A 501 4.73 21.70 -2.22
N ASP A 502 4.73 21.34 -3.51
CA ASP A 502 4.92 19.94 -3.95
C ASP A 502 6.16 19.22 -3.40
N ILE A 503 7.31 19.88 -3.52
CA ILE A 503 8.60 19.34 -3.08
C ILE A 503 8.69 19.21 -1.54
N ASN A 504 8.12 20.19 -0.82
CA ASN A 504 7.99 20.12 0.65
C ASN A 504 7.12 18.95 1.14
N VAL A 505 6.05 18.64 0.40
CA VAL A 505 5.19 17.48 0.71
C VAL A 505 5.98 16.17 0.68
N VAL A 506 6.79 15.98 -0.36
CA VAL A 506 7.56 14.74 -0.55
C VAL A 506 8.74 14.64 0.45
N SER A 507 9.39 15.75 0.77
CA SER A 507 10.52 15.76 1.75
C SER A 507 10.05 15.49 3.18
N THR A 508 8.96 16.13 3.58
CA THR A 508 8.21 15.85 4.82
C THR A 508 7.88 14.37 4.98
N TYR A 509 7.31 13.79 3.92
CA TYR A 509 6.96 12.37 3.89
C TYR A 509 8.18 11.45 4.05
N ILE A 510 9.25 11.74 3.32
CA ILE A 510 10.49 10.94 3.41
C ILE A 510 11.16 11.09 4.79
N SER A 511 11.21 12.33 5.30
CA SER A 511 11.63 12.61 6.70
C SER A 511 10.85 11.84 7.75
N LYS A 512 9.55 11.68 7.52
CA LYS A 512 8.65 10.91 8.39
C LYS A 512 8.95 9.42 8.33
N MET A 513 8.95 8.87 7.11
CA MET A 513 9.18 7.43 6.88
C MET A 513 10.60 6.93 7.18
N LYS A 514 11.60 7.80 6.99
CA LYS A 514 13.06 7.47 7.13
C LYS A 514 13.58 6.56 5.99
N VAL A 515 13.02 5.36 5.89
CA VAL A 515 13.37 4.35 4.86
C VAL A 515 12.12 4.10 3.99
N ILE A 516 12.24 4.35 2.69
CA ILE A 516 11.13 4.15 1.72
C ILE A 516 11.41 3.03 0.71
N TYR A 517 10.34 2.34 0.31
CA TYR A 517 10.43 1.11 -0.51
C TYR A 517 9.14 0.93 -1.37
N PRO A 518 8.75 1.99 -2.11
CA PRO A 518 7.51 1.92 -2.90
C PRO A 518 7.61 0.93 -4.07
N ALA A 519 6.50 0.25 -4.38
CA ALA A 519 6.45 -0.86 -5.35
C ALA A 519 5.43 -0.60 -6.44
N VAL A 520 5.52 -1.40 -7.50
CA VAL A 520 4.52 -1.44 -8.58
C VAL A 520 3.54 -2.50 -8.11
N GLU A 521 2.29 -2.10 -7.84
CA GLU A 521 1.28 -2.92 -7.13
C GLU A 521 0.10 -3.41 -7.97
N GLY A 522 0.00 -3.03 -9.24
CA GLY A 522 -1.23 -3.24 -10.04
C GLY A 522 -2.32 -2.19 -9.87
N ARG A 523 -1.92 -0.99 -9.47
CA ARG A 523 -2.79 0.20 -9.50
C ARG A 523 -3.22 0.58 -10.92
N ILE A 524 -2.32 0.41 -11.89
CA ILE A 524 -2.60 0.58 -13.32
C ILE A 524 -2.28 -0.75 -14.00
N LYS A 525 -3.30 -1.38 -14.60
CA LYS A 525 -3.18 -2.62 -15.37
C LYS A 525 -3.64 -2.42 -16.81
N PHE A 526 -3.24 -3.35 -17.68
CA PHE A 526 -3.68 -3.40 -19.09
C PHE A 526 -4.31 -4.75 -19.41
N SER A 527 -5.23 -4.74 -20.39
CA SER A 527 -6.09 -5.87 -20.76
C SER A 527 -5.78 -6.30 -22.19
N SER B 3 -44.27 -36.87 37.66
CA SER B 3 -43.48 -35.68 38.14
C SER B 3 -42.41 -35.18 37.15
N MET B 4 -42.10 -33.88 37.22
CA MET B 4 -41.04 -33.25 36.43
C MET B 4 -40.18 -32.30 37.27
N TRP B 5 -38.93 -32.15 36.85
CA TRP B 5 -37.93 -31.36 37.54
C TRP B 5 -37.31 -30.39 36.54
N GLU B 6 -37.45 -29.07 36.76
CA GLU B 6 -36.96 -28.06 35.81
C GLU B 6 -35.58 -27.53 36.25
N LEU B 7 -34.60 -27.57 35.34
CA LEU B 7 -33.27 -27.03 35.54
C LEU B 7 -33.03 -25.88 34.59
N THR B 8 -32.43 -24.80 35.10
CA THR B 8 -32.04 -23.65 34.30
C THR B 8 -30.53 -23.62 34.20
N ILE B 9 -30.00 -23.78 32.98
CA ILE B 9 -28.58 -23.70 32.71
C ILE B 9 -28.28 -22.29 32.21
N LEU B 10 -27.53 -21.55 33.02
CA LEU B 10 -26.88 -20.30 32.64
C LEU B 10 -25.43 -20.59 32.26
N HIS B 11 -24.98 -20.07 31.10
CA HIS B 11 -23.65 -20.42 30.58
C HIS B 11 -22.96 -19.32 29.77
N THR B 12 -21.68 -19.11 30.12
CA THR B 12 -20.73 -18.30 29.37
C THR B 12 -19.63 -19.17 28.75
N ASN B 13 -18.99 -18.63 27.72
CA ASN B 13 -17.81 -19.26 27.10
C ASN B 13 -16.99 -18.21 26.37
N ASP B 14 -15.69 -18.44 26.30
CA ASP B 14 -14.75 -17.56 25.60
C ASP B 14 -14.92 -16.08 25.95
N VAL B 15 -15.06 -15.82 27.25
CA VAL B 15 -15.20 -14.47 27.79
C VAL B 15 -13.93 -13.67 27.49
N HIS B 16 -12.77 -14.35 27.50
CA HIS B 16 -11.49 -13.81 27.08
C HIS B 16 -11.16 -12.46 27.72
N SER B 17 -11.23 -12.45 29.05
CA SER B 17 -10.81 -11.30 29.86
C SER B 17 -11.58 -10.01 29.62
N ARG B 18 -12.83 -10.10 29.17
CA ARG B 18 -13.72 -8.95 29.01
C ARG B 18 -14.44 -8.75 30.35
N LEU B 19 -13.67 -8.35 31.36
CA LEU B 19 -14.15 -8.14 32.73
C LEU B 19 -15.04 -6.92 32.80
N GLU B 20 -14.60 -5.85 32.14
CA GLU B 20 -15.40 -4.63 31.95
C GLU B 20 -16.32 -4.78 30.77
N GLN B 21 -17.30 -3.87 30.70
CA GLN B 21 -18.22 -3.80 29.54
C GLN B 21 -17.45 -3.32 28.33
N THR B 22 -17.97 -3.68 27.16
CA THR B 22 -17.29 -3.47 25.88
C THR B 22 -18.23 -2.79 24.92
N SER B 23 -17.68 -2.29 23.82
CA SER B 23 -18.48 -1.92 22.65
C SER B 23 -19.14 -3.17 22.04
N GLU B 24 -20.15 -2.94 21.18
CA GLU B 24 -20.91 -3.98 20.46
C GLU B 24 -19.99 -5.08 19.83
N ASP B 25 -18.90 -4.64 19.21
CA ASP B 25 -17.86 -5.53 18.62
C ASP B 25 -16.79 -6.11 19.58
N SER B 26 -16.95 -5.90 20.90
CA SER B 26 -16.04 -6.38 21.96
C SER B 26 -14.74 -5.55 22.19
N SER B 27 -14.52 -4.47 21.41
CA SER B 27 -13.43 -3.53 21.67
C SER B 27 -13.73 -2.70 22.92
N LYS B 28 -12.77 -1.88 23.36
CA LYS B 28 -12.93 -1.03 24.56
C LYS B 28 -14.23 -0.22 24.55
N CYS B 29 -14.84 -0.13 25.72
CA CYS B 29 -16.01 0.74 25.91
C CYS B 29 -15.59 2.20 25.92
N VAL B 30 -16.19 2.98 25.02
CA VAL B 30 -16.01 4.43 24.93
C VAL B 30 -17.34 5.14 25.16
N ASP B 31 -18.34 4.84 24.32
CA ASP B 31 -19.70 5.37 24.50
C ASP B 31 -20.45 4.42 25.45
N ALA B 32 -20.38 4.73 26.75
CA ALA B 32 -20.96 3.89 27.82
C ALA B 32 -22.46 3.59 27.68
N SER B 33 -23.22 4.53 27.13
CA SER B 33 -24.66 4.36 26.85
C SER B 33 -25.04 3.16 25.97
N ARG B 34 -24.15 2.75 25.06
CA ARG B 34 -24.39 1.59 24.16
C ARG B 34 -23.44 0.39 24.39
N CYS B 35 -22.75 0.36 25.53
CA CYS B 35 -21.83 -0.74 25.85
C CYS B 35 -22.56 -1.97 26.40
N MET B 36 -21.85 -3.11 26.39
CA MET B 36 -22.43 -4.44 26.60
C MET B 36 -21.51 -5.38 27.36
N GLY B 37 -22.12 -6.36 28.02
CA GLY B 37 -21.38 -7.39 28.76
C GLY B 37 -20.68 -6.88 30.00
N GLY B 38 -19.54 -7.50 30.31
CA GLY B 38 -18.80 -7.27 31.54
C GLY B 38 -19.39 -8.03 32.72
N VAL B 39 -18.56 -8.28 33.75
CA VAL B 39 -18.98 -9.11 34.91
C VAL B 39 -20.06 -8.46 35.79
N ALA B 40 -20.03 -7.13 35.95
CA ALA B 40 -21.06 -6.42 36.74
C ALA B 40 -22.46 -6.54 36.17
N ARG B 41 -22.58 -6.51 34.85
CA ARG B 41 -23.86 -6.65 34.18
C ARG B 41 -24.36 -8.09 34.23
N LEU B 42 -23.45 -9.02 33.95
CA LEU B 42 -23.76 -10.45 34.04
C LEU B 42 -24.34 -10.81 35.40
N PHE B 43 -23.69 -10.35 36.47
CA PHE B 43 -24.13 -10.56 37.85
C PHE B 43 -25.57 -10.11 38.06
N THR B 44 -25.95 -8.95 37.52
CA THR B 44 -27.34 -8.48 37.65
C THR B 44 -28.32 -9.46 37.01
N LYS B 45 -28.01 -9.90 35.78
CA LYS B 45 -28.89 -10.81 35.05
C LYS B 45 -28.97 -12.22 35.69
N VAL B 46 -27.83 -12.70 36.21
CA VAL B 46 -27.78 -13.97 36.95
C VAL B 46 -28.65 -13.92 38.21
N GLN B 47 -28.55 -12.84 38.97
CA GLN B 47 -29.34 -12.70 40.19
C GLN B 47 -30.85 -12.64 39.89
N GLN B 48 -31.26 -11.89 38.85
CA GLN B 48 -32.67 -11.85 38.38
C GLN B 48 -33.25 -13.26 38.10
N ILE B 49 -32.44 -14.12 37.51
CA ILE B 49 -32.83 -15.50 37.21
C ILE B 49 -32.85 -16.34 38.49
N ARG B 50 -31.80 -16.26 39.31
CA ARG B 50 -31.73 -16.98 40.62
C ARG B 50 -32.90 -16.69 41.56
N ARG B 51 -33.28 -15.42 41.68
CA ARG B 51 -34.48 -15.00 42.46
C ARG B 51 -35.82 -15.54 41.89
N ALA B 52 -35.86 -15.78 40.58
CA ALA B 52 -37.04 -16.26 39.84
C ALA B 52 -37.19 -17.80 39.71
N GLU B 53 -36.06 -18.53 39.66
CA GLU B 53 -36.03 -19.97 39.40
C GLU B 53 -35.28 -20.64 40.56
N PRO B 54 -35.83 -21.74 41.14
CA PRO B 54 -35.13 -22.44 42.23
C PRO B 54 -33.90 -23.29 41.81
N ASN B 55 -33.91 -23.87 40.60
CA ASN B 55 -32.83 -24.77 40.14
C ASN B 55 -32.03 -24.13 39.02
N VAL B 56 -30.89 -23.53 39.39
CA VAL B 56 -30.03 -22.76 38.50
C VAL B 56 -28.59 -23.27 38.65
N LEU B 57 -27.97 -23.51 37.51
CA LEU B 57 -26.52 -23.71 37.41
C LEU B 57 -25.93 -22.63 36.50
N LEU B 58 -24.86 -21.99 36.97
CA LEU B 58 -24.04 -21.06 36.19
C LEU B 58 -22.76 -21.80 35.86
N LEU B 59 -22.54 -22.00 34.56
CA LEU B 59 -21.43 -22.77 34.03
C LEU B 59 -20.56 -21.93 33.10
N ASP B 60 -19.26 -22.20 33.07
CA ASP B 60 -18.33 -21.62 32.06
C ASP B 60 -17.65 -22.75 31.27
N ALA B 61 -17.62 -22.60 29.94
CA ALA B 61 -17.01 -23.58 29.03
C ALA B 61 -15.57 -23.24 28.60
N GLY B 62 -14.84 -22.47 29.40
CA GLY B 62 -13.41 -22.19 29.18
C GLY B 62 -13.09 -20.95 28.36
N ASP B 63 -11.78 -20.70 28.21
CA ASP B 63 -11.24 -19.48 27.57
C ASP B 63 -11.72 -18.20 28.30
N GLN B 64 -11.74 -18.25 29.64
CA GLN B 64 -11.73 -17.02 30.45
C GLN B 64 -10.40 -16.29 30.28
N TYR B 65 -9.32 -17.07 30.33
CA TYR B 65 -7.95 -16.57 30.11
C TYR B 65 -7.78 -15.89 28.75
N GLN B 66 -7.11 -14.73 28.79
CA GLN B 66 -6.47 -14.06 27.65
C GLN B 66 -7.43 -13.20 26.84
N GLY B 67 -7.04 -11.94 26.60
CA GLY B 67 -7.76 -11.05 25.68
C GLY B 67 -7.70 -9.55 25.89
N THR B 68 -7.40 -9.11 27.12
CA THR B 68 -7.23 -7.68 27.46
C THR B 68 -6.13 -7.53 28.53
N ILE B 69 -5.77 -6.27 28.81
CA ILE B 69 -4.80 -5.94 29.89
C ILE B 69 -5.14 -6.48 31.30
N TRP B 70 -6.42 -6.72 31.57
CA TRP B 70 -6.87 -7.43 32.78
C TRP B 70 -6.07 -8.71 33.05
N PHE B 71 -5.97 -9.54 32.02
CA PHE B 71 -5.17 -10.76 32.09
C PHE B 71 -3.67 -10.51 31.96
N THR B 72 -3.24 -9.53 31.19
CA THR B 72 -1.83 -9.13 31.15
C THR B 72 -1.30 -8.74 32.55
N VAL B 73 -2.09 -7.96 33.29
CA VAL B 73 -1.68 -7.45 34.61
C VAL B 73 -1.90 -8.48 35.72
N TYR B 74 -3.15 -8.97 35.84
CA TYR B 74 -3.58 -9.84 36.96
C TYR B 74 -3.42 -11.36 36.72
N LYS B 75 -3.25 -11.78 35.48
CA LYS B 75 -2.76 -13.14 35.13
C LYS B 75 -3.63 -14.33 35.59
N GLY B 76 -4.93 -14.10 35.70
CA GLY B 76 -5.88 -15.10 36.20
C GLY B 76 -6.44 -14.88 37.60
N ALA B 77 -5.82 -14.01 38.40
CA ALA B 77 -6.38 -13.65 39.71
C ALA B 77 -7.75 -12.94 39.61
N GLU B 78 -7.88 -12.08 38.60
CA GLU B 78 -9.17 -11.44 38.25
C GLU B 78 -10.26 -12.45 37.81
N VAL B 79 -9.83 -13.53 37.15
CA VAL B 79 -10.73 -14.62 36.75
C VAL B 79 -11.26 -15.33 38.00
N ALA B 80 -10.34 -15.83 38.84
CA ALA B 80 -10.68 -16.43 40.13
C ALA B 80 -11.60 -15.53 40.93
N HIS B 81 -11.17 -14.28 41.13
CA HIS B 81 -11.89 -13.33 41.97
C HIS B 81 -13.32 -13.02 41.50
N PHE B 82 -13.47 -12.63 40.23
CA PHE B 82 -14.79 -12.23 39.73
C PHE B 82 -15.72 -13.41 39.43
N MET B 83 -15.19 -14.56 38.99
CA MET B 83 -16.00 -15.79 38.89
C MET B 83 -16.51 -16.28 40.25
N ASN B 84 -15.69 -16.14 41.29
CA ASN B 84 -16.10 -16.47 42.65
C ASN B 84 -17.21 -15.54 43.15
N ALA B 85 -17.06 -14.23 42.90
CA ALA B 85 -18.09 -13.22 43.22
C ALA B 85 -19.43 -13.50 42.51
N LEU B 86 -19.37 -13.94 41.25
CA LEU B 86 -20.56 -14.40 40.48
C LEU B 86 -21.14 -15.75 40.93
N ARG B 87 -20.37 -16.53 41.69
CA ARG B 87 -20.74 -17.83 42.21
C ARG B 87 -21.07 -18.81 41.08
N TYR B 88 -20.13 -18.94 40.13
CA TYR B 88 -20.14 -20.00 39.13
C TYR B 88 -20.16 -21.36 39.83
N ASP B 89 -20.94 -22.27 39.28
CA ASP B 89 -21.10 -23.61 39.85
C ASP B 89 -20.04 -24.57 39.35
N ALA B 90 -19.58 -24.39 38.12
CA ALA B 90 -18.50 -25.17 37.53
C ALA B 90 -17.93 -24.50 36.29
N MET B 91 -16.68 -24.86 35.96
CA MET B 91 -15.97 -24.40 34.77
C MET B 91 -15.24 -25.57 34.12
N ALA B 92 -15.20 -25.59 32.80
CA ALA B 92 -14.34 -26.51 32.03
C ALA B 92 -13.09 -25.79 31.55
N LEU B 93 -11.96 -26.49 31.56
CA LEU B 93 -10.69 -25.96 31.09
C LEU B 93 -10.74 -25.80 29.59
N GLY B 94 -10.47 -24.57 29.13
CA GLY B 94 -10.26 -24.27 27.73
C GLY B 94 -8.79 -24.30 27.40
N ASN B 95 -8.50 -24.13 26.11
CA ASN B 95 -7.11 -24.11 25.61
C ASN B 95 -6.30 -22.91 26.10
N HIS B 96 -6.92 -21.73 26.15
CA HIS B 96 -6.23 -20.52 26.63
C HIS B 96 -5.92 -20.48 28.14
N GLU B 97 -6.56 -21.34 28.93
CA GLU B 97 -6.18 -21.56 30.35
C GLU B 97 -4.73 -22.07 30.59
N PHE B 98 -4.13 -22.65 29.55
CA PHE B 98 -2.72 -23.09 29.55
C PHE B 98 -1.71 -22.12 28.92
N ASP B 99 -2.15 -20.88 28.59
CA ASP B 99 -1.29 -19.90 27.90
C ASP B 99 -0.06 -19.45 28.69
N ASN B 100 -0.17 -19.36 30.02
CA ASN B 100 0.98 -19.04 30.89
C ASN B 100 1.58 -20.29 31.56
N GLY B 101 1.53 -21.43 30.86
CA GLY B 101 1.98 -22.68 31.40
C GLY B 101 0.99 -23.32 32.36
N VAL B 102 1.41 -24.44 32.92
CA VAL B 102 0.66 -25.16 33.94
C VAL B 102 0.74 -24.40 35.27
N GLU B 103 1.90 -23.83 35.58
CA GLU B 103 2.07 -22.89 36.71
C GLU B 103 1.11 -21.68 36.67
N GLY B 104 0.89 -21.15 35.46
CA GLY B 104 -0.08 -20.07 35.24
C GLY B 104 -1.55 -20.47 35.40
N LEU B 105 -1.84 -21.77 35.31
CA LEU B 105 -3.17 -22.32 35.62
C LEU B 105 -3.36 -22.63 37.11
N ILE B 106 -2.37 -23.27 37.72
CA ILE B 106 -2.44 -23.72 39.12
C ILE B 106 -2.57 -22.56 40.13
N GLU B 107 -1.58 -21.67 40.14
CA GLU B 107 -1.44 -20.70 41.26
C GLU B 107 -2.49 -19.59 41.26
N PRO B 108 -2.84 -19.03 40.07
CA PRO B 108 -3.98 -18.12 40.02
C PRO B 108 -5.32 -18.85 40.13
N LEU B 109 -5.65 -19.74 39.21
CA LEU B 109 -7.05 -20.20 39.04
C LEU B 109 -7.42 -21.42 39.91
N LEU B 110 -6.74 -22.54 39.70
CA LEU B 110 -7.12 -23.81 40.36
C LEU B 110 -7.06 -23.79 41.90
N LYS B 111 -6.07 -23.10 42.46
CA LYS B 111 -5.96 -22.91 43.92
C LYS B 111 -6.92 -21.87 44.54
N GLU B 112 -7.32 -20.86 43.77
N GLU B 112 -7.32 -20.85 43.78
CA GLU B 112 -8.18 -19.76 44.29
CA GLU B 112 -8.20 -19.77 44.29
C GLU B 112 -9.67 -19.89 43.94
C GLU B 112 -9.69 -19.89 43.94
N ALA B 113 -10.03 -20.71 42.95
CA ALA B 113 -11.44 -20.93 42.56
C ALA B 113 -12.20 -21.71 43.63
N LYS B 114 -13.36 -21.19 44.02
CA LYS B 114 -14.27 -21.81 45.02
C LYS B 114 -15.29 -22.76 44.38
N PHE B 115 -15.12 -23.06 43.07
CA PHE B 115 -15.97 -23.96 42.31
C PHE B 115 -15.10 -25.00 41.58
N PRO B 116 -15.66 -26.17 41.24
CA PRO B 116 -14.91 -27.21 40.52
C PRO B 116 -14.49 -26.81 39.10
N ILE B 117 -13.27 -27.16 38.73
CA ILE B 117 -12.73 -26.95 37.38
C ILE B 117 -12.54 -28.31 36.73
N LEU B 118 -12.98 -28.45 35.47
CA LEU B 118 -13.24 -29.77 34.89
C LEU B 118 -12.58 -30.06 33.53
N SER B 119 -11.96 -31.24 33.41
CA SER B 119 -11.55 -31.83 32.14
C SER B 119 -11.27 -33.31 32.32
N ALA B 120 -12.01 -34.16 31.57
CA ALA B 120 -11.92 -35.62 31.66
C ALA B 120 -10.94 -36.25 30.69
N ASN B 121 -10.55 -35.52 29.64
CA ASN B 121 -9.58 -36.00 28.64
C ASN B 121 -8.15 -35.39 28.75
N ILE B 122 -7.85 -34.67 29.84
CA ILE B 122 -6.49 -34.21 30.14
C ILE B 122 -5.92 -35.13 31.20
N LYS B 123 -4.95 -35.97 30.82
CA LYS B 123 -4.26 -36.88 31.76
C LYS B 123 -2.85 -36.35 32.05
N ALA B 124 -2.50 -36.32 33.33
CA ALA B 124 -1.20 -35.84 33.80
C ALA B 124 -0.26 -37.01 34.06
N LYS B 125 0.96 -36.92 33.50
CA LYS B 125 2.03 -37.93 33.67
C LYS B 125 3.32 -37.26 34.15
N GLY B 126 4.33 -38.05 34.49
CA GLY B 126 5.61 -37.52 35.03
C GLY B 126 5.49 -36.97 36.44
N PRO B 127 6.47 -36.15 36.88
CA PRO B 127 6.40 -35.40 38.16
C PRO B 127 5.17 -34.49 38.34
N LEU B 128 4.67 -33.92 37.25
CA LEU B 128 3.49 -33.04 37.27
C LEU B 128 2.17 -33.69 37.77
N ALA B 129 2.04 -35.01 37.59
CA ALA B 129 0.84 -35.79 37.98
C ALA B 129 0.42 -35.62 39.44
N SER B 130 1.36 -35.81 40.36
CA SER B 130 1.14 -35.65 41.81
C SER B 130 0.95 -34.18 42.23
N GLN B 131 1.67 -33.27 41.57
CA GLN B 131 1.54 -31.80 41.78
C GLN B 131 0.12 -31.25 41.47
N ILE B 132 -0.45 -31.67 40.33
CA ILE B 132 -1.77 -31.22 39.85
C ILE B 132 -2.94 -32.21 40.15
N SER B 133 -2.70 -33.26 40.94
CA SER B 133 -3.72 -34.28 41.27
C SER B 133 -4.89 -33.68 42.04
N GLY B 134 -6.08 -33.73 41.44
CA GLY B 134 -7.31 -33.25 42.08
C GLY B 134 -7.56 -31.74 42.06
N LEU B 135 -6.62 -30.95 41.54
CA LEU B 135 -6.83 -29.49 41.39
C LEU B 135 -7.83 -29.17 40.28
N TYR B 136 -7.85 -30.01 39.25
CA TYR B 136 -8.96 -30.17 38.31
C TYR B 136 -9.45 -31.63 38.36
N LEU B 137 -10.69 -31.84 37.92
CA LEU B 137 -11.41 -33.12 38.06
C LEU B 137 -12.00 -33.55 36.71
N PRO B 138 -12.22 -34.86 36.49
CA PRO B 138 -12.95 -35.26 35.26
C PRO B 138 -14.44 -34.88 35.28
N TYR B 139 -15.07 -35.06 36.44
CA TYR B 139 -16.44 -34.63 36.67
C TYR B 139 -16.59 -34.01 38.07
N LYS B 140 -17.72 -33.33 38.26
CA LYS B 140 -18.25 -33.01 39.59
C LYS B 140 -19.76 -33.27 39.61
N VAL B 141 -20.24 -33.81 40.74
CA VAL B 141 -21.66 -34.08 40.96
C VAL B 141 -22.15 -33.00 41.94
N LEU B 142 -22.98 -32.09 41.44
CA LEU B 142 -23.41 -30.90 42.19
C LEU B 142 -24.82 -31.09 42.74
N PRO B 143 -25.03 -30.80 44.05
CA PRO B 143 -26.43 -30.69 44.51
C PRO B 143 -27.14 -29.46 43.91
N VAL B 144 -28.37 -29.67 43.45
CA VAL B 144 -29.27 -28.64 42.94
C VAL B 144 -30.64 -28.98 43.57
N GLY B 145 -31.03 -28.22 44.60
CA GLY B 145 -32.24 -28.52 45.37
C GLY B 145 -32.19 -29.92 45.94
N ASP B 146 -33.25 -30.72 45.70
CA ASP B 146 -33.32 -32.12 46.17
C ASP B 146 -32.64 -33.16 45.25
N GLU B 147 -32.23 -32.74 44.04
CA GLU B 147 -31.58 -33.62 43.05
C GLU B 147 -30.07 -33.38 43.03
N VAL B 148 -29.38 -34.20 42.24
CA VAL B 148 -27.98 -33.97 41.84
C VAL B 148 -27.85 -33.91 40.31
N VAL B 149 -26.89 -33.13 39.82
CA VAL B 149 -26.55 -33.04 38.39
C VAL B 149 -25.05 -33.30 38.27
N GLY B 150 -24.70 -34.26 37.43
CA GLY B 150 -23.31 -34.57 37.12
C GLY B 150 -22.84 -33.69 35.99
N ILE B 151 -21.68 -33.08 36.15
CA ILE B 151 -21.09 -32.25 35.09
C ILE B 151 -19.76 -32.87 34.79
N VAL B 152 -19.55 -33.19 33.52
CA VAL B 152 -18.35 -33.87 33.05
C VAL B 152 -17.65 -32.92 32.06
N GLY B 153 -16.34 -32.79 32.23
CA GLY B 153 -15.53 -31.79 31.56
C GLY B 153 -14.83 -32.31 30.32
N TYR B 154 -14.51 -31.41 29.40
CA TYR B 154 -13.59 -31.72 28.30
C TYR B 154 -12.92 -30.50 27.70
N THR B 155 -11.79 -30.76 27.04
CA THR B 155 -10.91 -29.72 26.49
C THR B 155 -10.40 -30.15 25.11
N SER B 156 -10.23 -29.17 24.22
CA SER B 156 -9.77 -29.37 22.85
C SER B 156 -8.49 -30.22 22.77
N LYS B 157 -8.51 -31.21 21.88
CA LYS B 157 -7.32 -32.01 21.54
C LYS B 157 -6.24 -31.18 20.81
N GLU B 158 -6.64 -30.06 20.21
CA GLU B 158 -5.70 -29.08 19.64
C GLU B 158 -4.96 -28.17 20.66
N THR B 159 -5.25 -28.25 21.95
CA THR B 159 -4.58 -27.45 23.01
C THR B 159 -3.03 -27.40 22.99
N PRO B 160 -2.34 -28.56 22.78
CA PRO B 160 -0.87 -28.51 22.63
C PRO B 160 -0.35 -27.69 21.45
N PHE B 161 -1.14 -27.62 20.37
CA PHE B 161 -0.80 -26.86 19.15
C PHE B 161 -1.21 -25.39 19.25
N LEU B 162 -2.09 -25.04 20.20
CA LEU B 162 -2.59 -23.67 20.44
C LEU B 162 -2.11 -22.98 21.72
N SER B 163 -1.47 -23.71 22.64
CA SER B 163 -1.12 -23.18 23.97
C SER B 163 0.14 -23.83 24.54
N ASN B 164 0.43 -23.58 25.83
CA ASN B 164 1.64 -24.10 26.52
C ASN B 164 1.32 -25.04 27.70
N PRO B 165 0.59 -26.15 27.46
CA PRO B 165 0.35 -27.11 28.54
C PRO B 165 1.59 -27.93 29.00
N GLY B 166 2.69 -27.94 28.22
CA GLY B 166 3.88 -28.74 28.51
C GLY B 166 3.68 -30.20 28.15
N THR B 167 4.79 -30.89 27.91
CA THR B 167 4.78 -32.32 27.47
C THR B 167 4.37 -33.38 28.54
N ASN B 168 4.13 -32.96 29.78
CA ASN B 168 3.57 -33.81 30.85
C ASN B 168 2.01 -33.91 30.90
N LEU B 169 1.30 -33.16 30.06
CA LEU B 169 -0.15 -33.30 29.90
C LEU B 169 -0.46 -33.92 28.55
N VAL B 170 -1.20 -35.04 28.56
CA VAL B 170 -1.69 -35.70 27.35
C VAL B 170 -3.16 -35.32 27.15
N PHE B 171 -3.52 -34.95 25.92
CA PHE B 171 -4.91 -34.59 25.56
C PHE B 171 -5.55 -35.73 24.77
N GLU B 172 -6.31 -36.58 25.48
CA GLU B 172 -6.98 -37.75 24.88
C GLU B 172 -8.18 -37.31 24.03
N ASP B 173 -8.68 -38.26 23.24
CA ASP B 173 -9.92 -38.09 22.49
C ASP B 173 -11.08 -37.89 23.47
N GLU B 174 -11.95 -36.94 23.14
CA GLU B 174 -13.03 -36.50 24.05
C GLU B 174 -14.07 -37.60 24.28
N ILE B 175 -14.52 -38.22 23.19
CA ILE B 175 -15.53 -39.28 23.23
C ILE B 175 -15.03 -40.53 23.99
N THR B 176 -13.79 -40.95 23.74
CA THR B 176 -13.16 -42.08 24.46
C THR B 176 -12.98 -41.78 25.97
N ALA B 177 -12.60 -40.55 26.31
CA ALA B 177 -12.44 -40.11 27.71
C ALA B 177 -13.76 -39.90 28.44
N LEU B 178 -14.76 -39.35 27.74
CA LEU B 178 -16.05 -39.03 28.35
C LEU B 178 -16.92 -40.24 28.69
N GLN B 179 -16.99 -41.23 27.80
CA GLN B 179 -17.93 -42.35 27.97
C GLN B 179 -17.78 -43.13 29.29
N PRO B 180 -16.54 -43.52 29.67
CA PRO B 180 -16.35 -44.19 30.97
C PRO B 180 -16.78 -43.36 32.18
N GLU B 181 -16.57 -42.04 32.12
CA GLU B 181 -17.00 -41.13 33.21
C GLU B 181 -18.52 -41.06 33.32
N VAL B 182 -19.21 -40.94 32.18
CA VAL B 182 -20.68 -40.93 32.09
C VAL B 182 -21.29 -42.27 32.55
N ASP B 183 -20.67 -43.39 32.15
CA ASP B 183 -21.05 -44.71 32.66
C ASP B 183 -20.83 -44.83 34.17
N LYS B 184 -19.68 -44.33 34.65
CA LYS B 184 -19.36 -44.31 36.10
C LYS B 184 -20.41 -43.55 36.91
N LEU B 185 -20.81 -42.39 36.39
CA LEU B 185 -21.85 -41.56 37.01
C LEU B 185 -23.25 -42.21 37.04
N LYS B 186 -23.60 -42.97 36.00
CA LYS B 186 -24.85 -43.76 36.00
C LYS B 186 -24.83 -44.85 37.09
N THR B 187 -23.70 -45.54 37.25
CA THR B 187 -23.54 -46.53 38.33
C THR B 187 -23.53 -45.90 39.73
N LEU B 188 -23.11 -44.63 39.81
CA LEU B 188 -23.30 -43.76 40.99
C LEU B 188 -24.68 -43.06 41.12
N ASN B 189 -25.70 -43.54 40.39
CA ASN B 189 -27.10 -43.07 40.45
C ASN B 189 -27.29 -41.58 40.14
N VAL B 190 -26.47 -41.05 39.22
CA VAL B 190 -26.59 -39.69 38.69
C VAL B 190 -27.27 -39.88 37.33
N ASN B 191 -28.56 -39.55 37.27
CA ASN B 191 -29.37 -39.71 36.04
C ASN B 191 -29.45 -38.46 35.14
N LYS B 192 -28.96 -37.31 35.63
CA LYS B 192 -28.88 -36.07 34.84
C LYS B 192 -27.42 -35.69 34.65
N ILE B 193 -26.97 -35.62 33.39
CA ILE B 193 -25.56 -35.44 33.03
C ILE B 193 -25.43 -34.33 32.00
N ILE B 194 -24.60 -33.32 32.33
CA ILE B 194 -24.24 -32.23 31.42
C ILE B 194 -22.80 -32.46 31.00
N ALA B 195 -22.53 -32.43 29.69
CA ALA B 195 -21.16 -32.37 29.19
C ALA B 195 -20.84 -30.89 29.02
N LEU B 196 -19.81 -30.42 29.74
CA LEU B 196 -19.36 -29.03 29.72
C LEU B 196 -17.92 -28.99 29.22
N GLY B 197 -17.66 -28.31 28.10
CA GLY B 197 -16.29 -28.27 27.61
C GLY B 197 -15.97 -27.38 26.44
N HIS B 198 -14.76 -27.57 25.93
CA HIS B 198 -14.09 -26.57 25.10
C HIS B 198 -13.36 -27.19 23.90
N SER B 199 -14.14 -27.69 22.95
CA SER B 199 -13.63 -28.31 21.71
C SER B 199 -14.30 -27.86 20.41
N GLY B 200 -15.28 -26.95 20.49
CA GLY B 200 -15.97 -26.47 19.30
C GLY B 200 -17.29 -27.19 19.05
N PHE B 201 -18.19 -26.46 18.41
CA PHE B 201 -19.57 -26.86 18.10
C PHE B 201 -19.66 -28.18 17.30
N GLU B 202 -18.70 -28.45 16.43
CA GLU B 202 -18.68 -29.72 15.68
C GLU B 202 -18.42 -30.91 16.61
N MET B 203 -17.39 -30.81 17.43
CA MET B 203 -17.11 -31.82 18.47
C MET B 203 -18.23 -31.93 19.51
N ASP B 204 -18.83 -30.79 19.89
CA ASP B 204 -20.02 -30.78 20.76
C ASP B 204 -21.15 -31.63 20.20
N LYS B 205 -21.42 -31.48 18.90
CA LYS B 205 -22.43 -32.30 18.22
C LYS B 205 -22.09 -33.82 18.18
N LEU B 206 -20.82 -34.16 17.93
CA LEU B 206 -20.34 -35.55 18.01
C LEU B 206 -20.47 -36.16 19.41
N ILE B 207 -20.21 -35.36 20.44
CA ILE B 207 -20.39 -35.76 21.84
C ILE B 207 -21.86 -36.07 22.13
N ALA B 208 -22.74 -35.16 21.75
CA ALA B 208 -24.20 -35.34 21.84
C ALA B 208 -24.67 -36.63 21.17
N GLN B 209 -24.12 -36.88 19.99
CA GLN B 209 -24.45 -38.06 19.20
C GLN B 209 -23.91 -39.36 19.82
N LYS B 210 -22.59 -39.42 20.05
CA LYS B 210 -21.87 -40.67 20.34
C LYS B 210 -21.81 -41.08 21.82
N VAL B 211 -21.87 -40.12 22.74
CA VAL B 211 -21.69 -40.39 24.19
C VAL B 211 -23.07 -40.67 24.84
N ARG B 212 -23.32 -41.96 25.04
CA ARG B 212 -24.57 -42.46 25.62
C ARG B 212 -24.68 -42.00 27.09
N GLY B 213 -25.82 -41.41 27.45
CA GLY B 213 -26.05 -40.85 28.79
C GLY B 213 -25.96 -39.34 28.94
N VAL B 214 -25.33 -38.65 27.98
CA VAL B 214 -25.24 -37.18 28.01
C VAL B 214 -26.61 -36.56 27.68
N ASP B 215 -27.12 -35.72 28.59
CA ASP B 215 -28.43 -35.06 28.42
C ASP B 215 -28.34 -33.69 27.79
N VAL B 216 -27.26 -32.95 28.05
CA VAL B 216 -27.04 -31.60 27.48
C VAL B 216 -25.56 -31.40 27.23
N VAL B 217 -25.21 -30.72 26.13
CA VAL B 217 -23.83 -30.30 25.84
C VAL B 217 -23.74 -28.77 25.90
N VAL B 218 -22.96 -28.25 26.84
CA VAL B 218 -22.67 -26.82 26.94
C VAL B 218 -21.22 -26.64 26.44
N GLY B 219 -21.07 -25.93 25.32
CA GLY B 219 -19.80 -25.83 24.60
C GLY B 219 -19.15 -24.46 24.53
N GLY B 220 -18.02 -24.43 23.82
CA GLY B 220 -17.26 -23.21 23.57
C GLY B 220 -16.30 -23.42 22.41
N HIS B 221 -15.28 -22.57 22.36
CA HIS B 221 -14.12 -22.68 21.44
C HIS B 221 -14.39 -22.22 19.98
N SER B 222 -15.54 -22.57 19.39
CA SER B 222 -15.92 -22.10 18.05
C SER B 222 -16.60 -20.71 18.00
N ASN B 223 -16.80 -20.06 19.15
CA ASN B 223 -17.49 -18.75 19.26
C ASN B 223 -18.86 -18.75 18.53
N THR B 224 -19.61 -19.85 18.69
CA THR B 224 -20.83 -20.11 17.92
C THR B 224 -22.00 -19.39 18.56
N PHE B 225 -22.77 -18.69 17.72
CA PHE B 225 -23.99 -18.02 18.15
C PHE B 225 -25.15 -18.86 17.62
N LEU B 226 -25.97 -19.33 18.55
CA LEU B 226 -27.24 -20.00 18.26
C LEU B 226 -28.39 -19.11 18.77
N TYR B 227 -29.45 -19.00 17.97
CA TYR B 227 -30.65 -18.26 18.36
C TYR B 227 -31.90 -18.85 17.72
N THR B 228 -33.03 -18.78 18.44
CA THR B 228 -34.36 -19.10 17.95
C THR B 228 -35.10 -17.78 17.84
N GLY B 229 -35.52 -17.45 16.61
CA GLY B 229 -36.21 -16.20 16.30
C GLY B 229 -35.27 -15.15 15.74
N ASN B 230 -35.69 -13.90 15.79
CA ASN B 230 -34.94 -12.79 15.19
C ASN B 230 -33.81 -12.41 16.15
N PRO B 231 -32.54 -12.49 15.68
CA PRO B 231 -31.43 -12.26 16.60
C PRO B 231 -31.33 -10.77 17.01
N PRO B 232 -30.89 -10.49 18.26
CA PRO B 232 -30.93 -9.11 18.76
C PRO B 232 -29.77 -8.17 18.39
N SER B 233 -28.72 -8.65 17.71
CA SER B 233 -27.51 -7.84 17.44
C SER B 233 -26.86 -8.17 16.07
N LYS B 234 -25.54 -7.99 15.92
CA LYS B 234 -24.84 -8.21 14.63
C LYS B 234 -24.56 -9.70 14.31
N GLU B 235 -24.57 -10.58 15.32
CA GLU B 235 -24.05 -11.95 15.15
C GLU B 235 -25.11 -12.79 14.44
N VAL B 236 -24.67 -13.47 13.38
CA VAL B 236 -25.55 -14.28 12.56
C VAL B 236 -25.62 -15.65 13.23
N PRO B 237 -26.83 -16.15 13.54
CA PRO B 237 -26.92 -17.50 14.13
C PRO B 237 -26.53 -18.62 13.17
N ALA B 238 -25.72 -19.56 13.68
CA ALA B 238 -25.34 -20.80 12.97
C ALA B 238 -26.46 -21.86 12.98
N GLY B 239 -27.33 -21.82 13.99
CA GLY B 239 -28.48 -22.72 14.07
C GLY B 239 -29.46 -22.25 15.11
N LYS B 240 -30.43 -23.10 15.44
CA LYS B 240 -31.42 -22.79 16.47
C LYS B 240 -30.80 -22.91 17.86
N TYR B 241 -31.40 -22.23 18.85
CA TYR B 241 -31.02 -22.42 20.28
C TYR B 241 -32.16 -23.12 20.99
N PRO B 242 -31.93 -24.26 21.65
CA PRO B 242 -30.72 -25.10 21.53
C PRO B 242 -30.65 -25.78 20.18
N PHE B 243 -29.45 -26.17 19.75
CA PHE B 243 -29.29 -27.03 18.57
C PHE B 243 -29.52 -28.47 19.03
N ILE B 244 -30.45 -29.17 18.36
CA ILE B 244 -30.87 -30.52 18.74
C ILE B 244 -30.17 -31.59 17.90
N VAL B 245 -29.36 -32.41 18.57
CA VAL B 245 -28.77 -33.62 17.99
C VAL B 245 -29.68 -34.81 18.30
N THR B 246 -29.88 -35.65 17.29
CA THR B 246 -30.55 -36.93 17.43
C THR B 246 -29.42 -37.92 17.66
N SER B 247 -29.38 -38.51 18.85
CA SER B 247 -28.29 -39.39 19.26
C SER B 247 -28.50 -40.79 18.73
N ASP B 248 -27.40 -41.56 18.75
CA ASP B 248 -27.39 -42.95 18.26
C ASP B 248 -28.32 -43.87 19.07
N ASP B 249 -28.40 -43.63 20.39
CA ASP B 249 -29.36 -44.32 21.30
C ASP B 249 -30.78 -43.66 21.39
N GLY B 250 -31.20 -42.92 20.35
CA GLY B 250 -32.59 -42.55 20.13
C GLY B 250 -33.11 -41.36 20.92
N ARG B 251 -32.25 -40.40 21.23
CA ARG B 251 -32.59 -39.29 22.13
C ARG B 251 -32.29 -37.93 21.50
N LYS B 252 -33.12 -36.95 21.86
CA LYS B 252 -32.93 -35.57 21.42
C LYS B 252 -32.04 -34.90 22.46
N VAL B 253 -30.80 -34.56 22.08
CA VAL B 253 -29.81 -33.92 22.97
C VAL B 253 -29.61 -32.45 22.59
N PRO B 254 -30.01 -31.51 23.48
CA PRO B 254 -29.71 -30.10 23.20
C PRO B 254 -28.23 -29.75 23.38
N VAL B 255 -27.67 -29.06 22.38
CA VAL B 255 -26.31 -28.52 22.35
C VAL B 255 -26.42 -26.99 22.36
N VAL B 256 -25.70 -26.34 23.29
CA VAL B 256 -25.68 -24.88 23.39
C VAL B 256 -24.26 -24.31 23.32
N GLN B 257 -24.21 -23.04 22.90
CA GLN B 257 -23.03 -22.17 23.04
C GLN B 257 -23.55 -20.71 23.22
N ALA B 258 -22.70 -19.77 23.62
CA ALA B 258 -23.14 -18.37 23.88
C ALA B 258 -22.20 -17.31 23.27
N TYR B 259 -21.90 -17.47 21.98
CA TYR B 259 -20.96 -16.62 21.21
C TYR B 259 -19.60 -16.49 21.97
N ALA B 260 -19.31 -15.31 22.52
CA ALA B 260 -17.99 -14.98 23.06
C ALA B 260 -18.03 -13.63 23.78
N PHE B 261 -16.94 -13.33 24.47
CA PHE B 261 -16.63 -11.99 25.01
C PHE B 261 -17.58 -11.47 26.10
N GLY B 262 -18.35 -12.36 26.71
CA GLY B 262 -19.42 -12.02 27.69
C GLY B 262 -20.51 -11.09 27.21
N LYS B 263 -20.76 -11.07 25.90
CA LYS B 263 -21.78 -10.23 25.30
C LYS B 263 -23.19 -10.82 25.55
N TYR B 264 -23.28 -12.15 25.54
CA TYR B 264 -24.51 -12.87 25.89
C TYR B 264 -24.32 -13.77 27.09
N LEU B 265 -25.38 -13.93 27.88
CA LEU B 265 -25.50 -15.02 28.85
C LEU B 265 -26.37 -16.08 28.23
N GLY B 266 -25.82 -17.27 28.05
CA GLY B 266 -26.59 -18.44 27.59
C GLY B 266 -27.63 -18.81 28.64
N TYR B 267 -28.83 -19.19 28.20
CA TYR B 267 -29.96 -19.46 29.08
C TYR B 267 -30.81 -20.58 28.49
N LEU B 268 -30.76 -21.77 29.11
CA LEU B 268 -31.52 -22.95 28.68
C LEU B 268 -32.35 -23.49 29.86
N LYS B 269 -33.68 -23.54 29.71
CA LYS B 269 -34.58 -24.22 30.65
C LYS B 269 -34.82 -25.64 30.12
N ILE B 270 -34.55 -26.65 30.95
CA ILE B 270 -34.73 -28.07 30.63
C ILE B 270 -35.74 -28.63 31.61
N GLU B 271 -36.71 -29.38 31.08
CA GLU B 271 -37.68 -30.13 31.89
C GLU B 271 -37.24 -31.60 31.84
N PHE B 272 -36.89 -32.14 33.02
CA PHE B 272 -36.46 -33.54 33.17
C PHE B 272 -37.60 -34.37 33.74
N ASP B 273 -37.75 -35.62 33.30
CA ASP B 273 -38.59 -36.59 34.02
C ASP B 273 -37.86 -37.13 35.27
N GLU B 274 -38.60 -37.88 36.09
CA GLU B 274 -38.08 -38.51 37.31
C GLU B 274 -36.82 -39.40 37.11
N ARG B 275 -36.63 -39.97 35.92
CA ARG B 275 -35.42 -40.76 35.59
C ARG B 275 -34.32 -39.98 34.81
N GLY B 276 -34.35 -38.64 34.87
CA GLY B 276 -33.32 -37.80 34.26
C GLY B 276 -33.24 -37.72 32.74
N ASN B 277 -34.33 -38.06 32.04
CA ASN B 277 -34.45 -37.86 30.58
C ASN B 277 -34.99 -36.47 30.30
N VAL B 278 -34.46 -35.84 29.25
CA VAL B 278 -34.94 -34.54 28.80
C VAL B 278 -36.27 -34.74 28.06
N ILE B 279 -37.32 -34.10 28.58
CA ILE B 279 -38.66 -34.04 27.96
C ILE B 279 -38.76 -32.88 26.99
N SER B 280 -38.24 -31.72 27.39
CA SER B 280 -38.12 -30.56 26.50
C SER B 280 -37.08 -29.59 27.00
N SER B 281 -36.63 -28.76 26.06
CA SER B 281 -35.76 -27.64 26.38
C SER B 281 -36.10 -26.43 25.54
N HIS B 282 -35.90 -25.27 26.14
CA HIS B 282 -36.07 -24.02 25.44
C HIS B 282 -35.26 -22.90 26.07
N GLY B 283 -35.02 -21.87 25.27
CA GLY B 283 -34.38 -20.67 25.73
C GLY B 283 -33.77 -19.86 24.61
N ASN B 284 -32.82 -19.02 24.97
CA ASN B 284 -32.04 -18.23 24.03
C ASN B 284 -30.92 -17.56 24.80
N PRO B 285 -29.81 -17.18 24.11
CA PRO B 285 -28.82 -16.32 24.79
C PRO B 285 -29.41 -14.93 25.02
N ILE B 286 -29.11 -14.34 26.17
CA ILE B 286 -29.66 -13.06 26.59
C ILE B 286 -28.62 -12.01 26.28
N LEU B 287 -28.96 -11.02 25.45
CA LEU B 287 -28.04 -9.93 25.12
C LEU B 287 -27.88 -9.03 26.34
N LEU B 288 -26.64 -8.95 26.85
CA LEU B 288 -26.30 -8.15 28.03
C LEU B 288 -26.01 -6.72 27.60
N ASN B 289 -27.08 -5.98 27.34
CA ASN B 289 -27.02 -4.60 26.83
C ASN B 289 -27.39 -3.59 27.95
N SER B 290 -27.51 -2.31 27.60
CA SER B 290 -27.83 -1.21 28.54
C SER B 290 -29.15 -1.33 29.32
N SER B 291 -30.09 -2.12 28.82
CA SER B 291 -31.30 -2.49 29.57
C SER B 291 -31.07 -3.28 30.88
N ILE B 292 -29.88 -3.87 31.08
CA ILE B 292 -29.51 -4.56 32.32
C ILE B 292 -28.46 -3.68 33.01
N PRO B 293 -28.77 -3.17 34.22
CA PRO B 293 -27.80 -2.30 34.88
C PRO B 293 -26.62 -3.12 35.44
N GLU B 294 -25.44 -2.49 35.44
CA GLU B 294 -24.28 -3.01 36.16
C GLU B 294 -24.60 -3.05 37.66
N ASP B 295 -24.33 -4.18 38.30
CA ASP B 295 -24.51 -4.35 39.73
C ASP B 295 -23.59 -3.39 40.49
N PRO B 296 -24.12 -2.58 41.43
CA PRO B 296 -23.26 -1.61 42.13
C PRO B 296 -22.04 -2.19 42.86
N SER B 297 -22.20 -3.36 43.49
CA SER B 297 -21.12 -4.03 44.23
C SER B 297 -19.96 -4.52 43.36
N ILE B 298 -20.31 -5.26 42.31
CA ILE B 298 -19.32 -5.80 41.37
C ILE B 298 -18.64 -4.65 40.61
N LYS B 299 -19.42 -3.65 40.19
CA LYS B 299 -18.87 -2.46 39.50
C LYS B 299 -17.87 -1.69 40.37
N ALA B 300 -18.19 -1.50 41.64
CA ALA B 300 -17.29 -0.85 42.61
C ALA B 300 -15.99 -1.64 42.81
N ASP B 301 -16.11 -2.96 42.82
CA ASP B 301 -14.98 -3.87 42.91
C ASP B 301 -14.14 -3.83 41.63
N ILE B 302 -14.79 -3.83 40.47
CA ILE B 302 -14.14 -3.63 39.17
C ILE B 302 -13.35 -2.33 39.11
N ASN B 303 -13.93 -1.24 39.61
CA ASN B 303 -13.24 0.08 39.64
C ASN B 303 -11.98 0.07 40.52
N LYS B 304 -12.02 -0.68 41.62
CA LYS B 304 -10.88 -0.84 42.53
C LYS B 304 -9.72 -1.58 41.85
N TRP B 305 -10.05 -2.71 41.21
CA TRP B 305 -9.08 -3.46 40.38
C TRP B 305 -8.60 -2.69 39.14
N ARG B 306 -9.48 -1.85 38.58
CA ARG B 306 -9.16 -0.96 37.42
C ARG B 306 -8.04 0.06 37.66
N ILE B 307 -7.81 0.47 38.91
CA ILE B 307 -6.81 1.50 39.25
C ILE B 307 -5.40 1.13 38.73
N LYS B 308 -4.96 -0.11 38.97
CA LYS B 308 -3.64 -0.60 38.52
C LYS B 308 -3.48 -0.59 36.99
N LEU B 309 -4.57 -0.82 36.27
CA LEU B 309 -4.60 -0.86 34.79
C LEU B 309 -4.52 0.49 34.06
N ASP B 310 -4.82 1.60 34.75
CA ASP B 310 -4.92 2.94 34.11
C ASP B 310 -3.58 3.55 33.60
N ASP B 311 -2.44 2.92 33.91
CA ASP B 311 -1.14 3.26 33.28
C ASP B 311 -1.12 2.99 31.75
N TYR B 312 -1.85 1.96 31.31
CA TYR B 312 -1.88 1.48 29.92
C TYR B 312 -2.77 2.27 28.93
N SER B 313 -3.60 3.19 29.44
CA SER B 313 -4.53 4.00 28.63
C SER B 313 -4.26 5.53 28.62
N THR B 314 -3.24 6.01 29.34
CA THR B 314 -2.90 7.44 29.42
C THR B 314 -2.42 8.01 28.08
N GLN B 315 -1.28 7.51 27.58
CA GLN B 315 -0.64 8.05 26.37
C GLN B 315 -1.38 7.58 25.12
N GLU B 316 -1.84 8.55 24.33
CA GLU B 316 -2.28 8.30 22.95
C GLU B 316 -1.05 8.00 22.09
N LEU B 317 -0.94 6.78 21.59
CA LEU B 317 0.10 6.42 20.60
C LEU B 317 -0.17 7.03 19.22
N GLY B 318 -1.43 7.16 18.86
CA GLY B 318 -1.82 7.72 17.56
C GLY B 318 -3.31 7.72 17.34
N LYS B 319 -3.69 7.87 16.07
CA LYS B 319 -5.08 8.10 15.65
C LYS B 319 -5.37 7.17 14.47
N THR B 320 -6.57 6.57 14.43
CA THR B 320 -7.10 5.97 13.18
C THR B 320 -8.33 6.76 12.72
N ILE B 321 -8.42 6.95 11.40
CA ILE B 321 -9.58 7.59 10.76
C ILE B 321 -10.43 6.58 9.97
N VAL B 322 -10.15 5.29 10.15
CA VAL B 322 -10.95 4.21 9.60
C VAL B 322 -11.18 3.17 10.70
N TYR B 323 -12.26 2.41 10.57
CA TYR B 323 -12.50 1.25 11.42
C TYR B 323 -11.43 0.18 11.13
N LEU B 324 -10.70 -0.20 12.18
CA LEU B 324 -9.71 -1.26 12.12
C LEU B 324 -10.41 -2.59 12.42
N ASP B 325 -10.85 -3.25 11.35
CA ASP B 325 -11.63 -4.48 11.41
C ASP B 325 -10.73 -5.64 11.81
N GLY B 326 -10.67 -5.89 13.11
CA GLY B 326 -9.96 -7.04 13.71
C GLY B 326 -10.90 -8.09 14.27
N SER B 327 -12.06 -8.26 13.64
CA SER B 327 -13.06 -9.21 14.10
C SER B 327 -12.76 -10.55 13.44
N SER B 328 -13.07 -11.62 14.15
CA SER B 328 -12.96 -13.00 13.64
C SER B 328 -13.73 -13.26 12.32
N GLN B 329 -14.89 -12.64 12.18
CA GLN B 329 -15.76 -12.85 11.04
C GLN B 329 -15.14 -12.31 9.74
N SER B 330 -14.32 -11.25 9.84
CA SER B 330 -13.55 -10.73 8.70
C SER B 330 -12.21 -11.45 8.55
N CYS B 331 -11.35 -11.31 9.56
CA CYS B 331 -9.94 -11.77 9.49
C CYS B 331 -9.68 -13.26 9.30
N ARG B 332 -10.67 -14.12 9.57
CA ARG B 332 -10.59 -15.55 9.31
C ARG B 332 -11.32 -15.99 8.04
N PHE B 333 -12.07 -15.10 7.37
CA PHE B 333 -12.77 -15.41 6.10
C PHE B 333 -12.29 -14.66 4.87
N ARG B 334 -11.71 -13.47 5.05
CA ARG B 334 -11.19 -12.67 3.92
C ARG B 334 -10.17 -11.65 4.40
N GLU B 335 -9.66 -10.86 3.45
CA GLU B 335 -8.78 -9.71 3.76
C GLU B 335 -9.49 -8.77 4.72
N CYS B 336 -8.81 -8.49 5.83
CA CYS B 336 -9.26 -7.51 6.81
C CYS B 336 -8.15 -6.47 6.96
N ASN B 337 -8.55 -5.22 7.18
CA ASN B 337 -7.59 -4.12 7.21
C ASN B 337 -6.70 -4.11 8.44
N MET B 338 -7.15 -4.69 9.56
CA MET B 338 -6.28 -4.85 10.74
C MET B 338 -5.08 -5.76 10.43
N GLY B 339 -5.33 -6.84 9.67
CA GLY B 339 -4.26 -7.72 9.20
C GLY B 339 -3.23 -7.00 8.36
N ASN B 340 -3.72 -6.27 7.37
CA ASN B 340 -2.88 -5.43 6.49
C ASN B 340 -2.03 -4.45 7.28
N LEU B 341 -2.63 -3.78 8.27
CA LEU B 341 -1.93 -2.88 9.17
C LEU B 341 -0.78 -3.58 9.90
N ILE B 342 -1.11 -4.69 10.54
CA ILE B 342 -0.14 -5.45 11.33
C ILE B 342 1.01 -5.95 10.43
N CYS B 343 0.69 -6.46 9.24
CA CYS B 343 1.72 -6.90 8.27
C CYS B 343 2.62 -5.78 7.78
N ASP B 344 2.02 -4.62 7.48
CA ASP B 344 2.78 -3.42 7.08
C ASP B 344 3.69 -2.92 8.20
N ALA B 345 3.19 -2.97 9.43
CA ALA B 345 3.99 -2.64 10.63
C ALA B 345 5.17 -3.59 10.85
N MET B 346 4.93 -4.89 10.65
CA MET B 346 5.97 -5.94 10.66
C MET B 346 7.07 -5.68 9.67
N ILE B 347 6.67 -5.43 8.43
CA ILE B 347 7.60 -5.09 7.34
C ILE B 347 8.38 -3.80 7.65
N ASN B 348 7.65 -2.75 8.03
CA ASN B 348 8.26 -1.42 8.27
C ASN B 348 9.24 -1.39 9.43
N ASN B 349 8.89 -2.03 10.55
CA ASN B 349 9.76 -2.08 11.72
C ASN B 349 11.08 -2.81 11.44
N ASN B 350 10.99 -3.98 10.79
CA ASN B 350 12.17 -4.78 10.38
C ASN B 350 13.23 -3.98 9.59
N LEU B 351 12.78 -3.11 8.69
CA LEU B 351 13.69 -2.28 7.87
C LEU B 351 14.46 -1.18 8.63
N ARG B 352 14.05 -0.85 9.88
CA ARG B 352 14.88 0.01 10.77
C ARG B 352 16.20 -0.69 11.22
N HIS B 353 16.20 -2.04 11.27
CA HIS B 353 17.43 -2.82 11.53
C HIS B 353 18.31 -2.88 10.27
N THR B 354 19.00 -1.78 9.97
CA THR B 354 19.93 -1.70 8.83
C THR B 354 21.30 -2.36 9.10
N ASP B 355 21.75 -2.35 10.37
CA ASP B 355 22.96 -3.08 10.82
C ASP B 355 22.99 -4.61 10.54
N GLU B 356 21.80 -5.25 10.48
CA GLU B 356 21.62 -6.67 10.10
C GLU B 356 21.18 -6.79 8.62
N MET B 357 22.12 -7.13 7.74
CA MET B 357 21.96 -7.02 6.26
C MET B 357 21.24 -8.20 5.54
N PHE B 358 20.99 -9.32 6.23
CA PHE B 358 20.29 -10.46 5.62
C PHE B 358 18.78 -10.23 5.42
N TRP B 359 18.16 -9.47 6.32
CA TRP B 359 16.71 -9.16 6.29
C TRP B 359 16.32 -7.72 5.89
N ASN B 360 17.30 -6.88 5.52
CA ASN B 360 17.04 -5.44 5.25
C ASN B 360 16.25 -5.10 3.95
N HIS B 361 15.88 -6.12 3.14
CA HIS B 361 14.96 -5.95 1.99
C HIS B 361 13.67 -6.80 2.10
N VAL B 362 13.39 -7.37 3.28
CA VAL B 362 12.21 -8.22 3.46
C VAL B 362 10.96 -7.36 3.31
N SER B 363 10.13 -7.74 2.35
CA SER B 363 8.84 -7.09 2.05
C SER B 363 7.62 -8.04 2.06
N MET B 364 7.80 -9.32 2.39
CA MET B 364 6.73 -10.33 2.43
C MET B 364 6.35 -10.69 3.88
N CYS B 365 5.06 -10.85 4.13
CA CYS B 365 4.51 -11.10 5.48
C CYS B 365 3.37 -12.10 5.46
N ILE B 366 3.37 -13.05 6.39
CA ILE B 366 2.17 -13.86 6.67
C ILE B 366 1.81 -13.80 8.16
N LEU B 367 0.51 -13.81 8.43
CA LEU B 367 -0.06 -13.52 9.75
C LEU B 367 -1.36 -14.31 9.86
N ASN B 368 -1.41 -15.25 10.81
CA ASN B 368 -2.64 -16.03 11.06
C ASN B 368 -3.75 -15.11 11.56
N GLY B 369 -4.90 -15.15 10.88
CA GLY B 369 -6.07 -14.33 11.18
C GLY B 369 -6.59 -14.47 12.60
N GLY B 370 -6.51 -15.68 13.16
CA GLY B 370 -6.89 -15.93 14.54
C GLY B 370 -6.02 -15.26 15.61
N GLY B 371 -4.82 -14.83 15.24
CA GLY B 371 -3.97 -13.97 16.07
C GLY B 371 -4.47 -12.55 16.28
N ILE B 372 -5.32 -12.09 15.37
CA ILE B 372 -5.98 -10.78 15.46
C ILE B 372 -7.23 -10.99 16.33
N ARG B 373 -7.23 -10.34 17.49
CA ARG B 373 -8.12 -10.69 18.60
C ARG B 373 -9.23 -9.68 18.90
N SER B 374 -9.19 -8.49 18.27
CA SER B 374 -10.15 -7.43 18.55
C SER B 374 -10.08 -6.34 17.49
N PRO B 375 -11.22 -5.66 17.19
CA PRO B 375 -11.15 -4.40 16.45
C PRO B 375 -10.71 -3.21 17.31
N ILE B 376 -10.52 -2.09 16.62
CA ILE B 376 -10.35 -0.78 17.24
C ILE B 376 -11.30 0.18 16.51
N ASP B 377 -12.03 0.96 17.30
CA ASP B 377 -13.07 1.86 16.79
C ASP B 377 -12.46 3.22 16.39
N GLU B 378 -13.08 3.85 15.40
CA GLU B 378 -12.67 5.15 14.87
C GLU B 378 -13.53 6.36 15.27
N ARG B 379 -14.59 6.18 16.08
CA ARG B 379 -15.61 7.25 16.34
C ARG B 379 -15.37 8.21 17.56
N ASN B 380 -14.24 8.06 18.25
CA ASN B 380 -13.90 8.88 19.45
C ASN B 380 -12.71 9.81 19.19
N ASP B 381 -12.67 10.35 17.97
CA ASP B 381 -11.43 10.81 17.31
C ASP B 381 -10.42 9.64 17.22
N GLY B 382 -10.95 8.46 16.88
CA GLY B 382 -10.28 7.15 16.91
C GLY B 382 -8.91 6.98 17.55
N THR B 383 -8.86 7.24 18.85
CA THR B 383 -7.62 7.13 19.64
C THR B 383 -7.18 5.67 19.75
N ILE B 384 -5.86 5.47 19.70
CA ILE B 384 -5.22 4.16 19.88
C ILE B 384 -4.23 4.34 21.04
N THR B 385 -4.59 3.73 22.17
CA THR B 385 -3.72 3.60 23.36
C THR B 385 -3.07 2.21 23.34
N TRP B 386 -2.20 1.94 24.33
CA TRP B 386 -1.61 0.60 24.51
C TRP B 386 -2.68 -0.48 24.83
N GLU B 387 -3.63 -0.13 25.70
CA GLU B 387 -4.77 -1.00 26.04
C GLU B 387 -5.52 -1.50 24.81
N ASN B 388 -5.82 -0.60 23.89
CA ASN B 388 -6.49 -0.93 22.63
C ASN B 388 -5.68 -1.97 21.85
N LEU B 389 -4.38 -1.70 21.70
CA LEU B 389 -3.41 -2.62 21.06
C LEU B 389 -3.30 -3.99 21.73
N ALA B 390 -3.27 -4.00 23.06
CA ALA B 390 -3.22 -5.25 23.83
C ALA B 390 -4.42 -6.19 23.63
N ALA B 391 -5.58 -5.64 23.29
CA ALA B 391 -6.77 -6.44 22.91
C ALA B 391 -6.64 -7.08 21.52
N VAL B 392 -5.91 -6.44 20.61
CA VAL B 392 -5.62 -6.98 19.27
C VAL B 392 -4.55 -8.05 19.35
N LEU B 393 -3.49 -7.78 20.13
CA LEU B 393 -2.28 -8.63 20.20
C LEU B 393 -1.91 -8.93 21.66
N PRO B 394 -2.71 -9.78 22.33
CA PRO B 394 -2.52 -10.11 23.75
C PRO B 394 -1.44 -11.14 24.08
N PHE B 395 -0.98 -11.90 23.09
CA PHE B 395 -0.22 -13.14 23.33
C PHE B 395 1.26 -13.02 23.71
N GLY B 396 1.84 -11.82 23.58
CA GLY B 396 3.27 -11.62 23.88
C GLY B 396 4.21 -12.41 22.98
N GLY B 397 3.83 -12.59 21.71
CA GLY B 397 4.68 -13.25 20.71
C GLY B 397 5.72 -12.28 20.15
N THR B 398 6.46 -12.78 19.16
CA THR B 398 7.46 -12.01 18.41
C THR B 398 7.21 -12.19 16.91
N PHE B 399 7.56 -11.17 16.13
CA PHE B 399 7.49 -11.22 14.67
C PHE B 399 8.84 -11.68 14.10
N ASP B 400 8.99 -12.99 13.96
CA ASP B 400 10.24 -13.64 13.56
C ASP B 400 10.44 -13.66 12.04
N LEU B 401 11.68 -13.92 11.65
CA LEU B 401 12.11 -13.84 10.26
C LEU B 401 12.49 -15.22 9.78
N VAL B 402 11.93 -15.65 8.64
CA VAL B 402 12.20 -16.98 8.09
C VAL B 402 12.57 -16.95 6.60
N GLN B 403 13.50 -17.83 6.22
CA GLN B 403 13.81 -18.12 4.83
C GLN B 403 13.03 -19.39 4.48
N LEU B 404 12.16 -19.29 3.47
CA LEU B 404 11.27 -20.39 3.05
C LEU B 404 11.39 -20.63 1.54
N LYS B 405 11.32 -21.90 1.16
CA LYS B 405 11.16 -22.27 -0.26
C LYS B 405 9.75 -21.89 -0.73
N GLY B 406 9.62 -21.68 -2.04
CA GLY B 406 8.32 -21.40 -2.65
C GLY B 406 7.27 -22.49 -2.45
N SER B 407 7.70 -23.76 -2.54
CA SER B 407 6.82 -24.91 -2.28
C SER B 407 6.30 -24.96 -0.83
N THR B 408 7.15 -24.56 0.12
CA THR B 408 6.73 -24.37 1.52
C THR B 408 5.62 -23.32 1.61
N LEU B 409 5.84 -22.17 0.94
CA LEU B 409 4.84 -21.08 0.93
C LEU B 409 3.53 -21.45 0.27
N LYS B 410 3.55 -22.14 -0.87
CA LYS B 410 2.29 -22.63 -1.49
C LYS B 410 1.57 -23.65 -0.60
N LYS B 411 2.31 -24.58 0.03
CA LYS B 411 1.72 -25.53 1.00
C LYS B 411 1.06 -24.81 2.21
N ALA B 412 1.66 -23.73 2.69
CA ALA B 412 1.08 -22.88 3.74
C ALA B 412 -0.21 -22.17 3.28
N PHE B 413 -0.19 -21.62 2.07
CA PHE B 413 -1.40 -21.01 1.48
C PHE B 413 -2.50 -22.03 1.12
N GLU B 414 -2.15 -23.29 0.87
CA GLU B 414 -3.16 -24.37 0.80
C GLU B 414 -3.75 -24.71 2.17
N HIS B 415 -2.90 -24.73 3.20
CA HIS B 415 -3.31 -24.97 4.57
C HIS B 415 -4.22 -23.85 5.11
N SER B 416 -3.88 -22.61 4.76
CA SER B 416 -4.70 -21.40 5.02
C SER B 416 -6.22 -21.56 4.75
N VAL B 417 -6.60 -22.35 3.74
CA VAL B 417 -8.01 -22.57 3.34
C VAL B 417 -8.41 -24.05 3.23
N HIS B 418 -7.69 -24.96 3.91
CA HIS B 418 -7.93 -26.42 3.76
C HIS B 418 -9.27 -26.87 4.36
N ARG B 419 -9.67 -26.23 5.47
CA ARG B 419 -10.99 -26.41 6.12
C ARG B 419 -11.69 -25.04 6.27
N TYR B 420 -11.71 -24.29 5.16
CA TYR B 420 -12.34 -22.95 5.12
C TYR B 420 -13.85 -23.01 5.39
N GLY B 421 -14.36 -21.97 6.03
CA GLY B 421 -15.77 -21.86 6.39
C GLY B 421 -16.14 -22.20 7.83
N GLN B 422 -15.14 -22.31 8.72
CA GLN B 422 -15.32 -22.69 10.13
C GLN B 422 -14.78 -21.71 11.19
N SER B 423 -14.36 -20.51 10.77
CA SER B 423 -13.79 -19.48 11.66
C SER B 423 -12.58 -19.99 12.47
N THR B 424 -11.77 -20.85 11.84
CA THR B 424 -10.50 -21.32 12.40
C THR B 424 -9.45 -20.26 12.05
N GLY B 425 -8.44 -20.15 12.92
CA GLY B 425 -7.46 -19.09 12.83
C GLY B 425 -6.38 -19.16 11.77
N GLU B 426 -6.23 -20.31 11.11
CA GLU B 426 -5.14 -20.53 10.13
C GLU B 426 -5.18 -19.67 8.85
N PHE B 427 -6.35 -19.12 8.50
CA PHE B 427 -6.49 -18.20 7.35
C PHE B 427 -5.52 -17.02 7.46
N LEU B 428 -4.71 -16.83 6.42
CA LEU B 428 -3.56 -15.91 6.48
C LEU B 428 -3.87 -14.50 5.95
N GLN B 429 -3.65 -13.51 6.81
CA GLN B 429 -3.49 -12.12 6.39
C GLN B 429 -2.04 -11.96 5.94
N VAL B 430 -1.84 -11.07 4.97
CA VAL B 430 -0.61 -10.99 4.19
C VAL B 430 -0.11 -9.57 3.97
N GLY B 431 1.19 -9.48 3.69
CA GLY B 431 1.85 -8.28 3.17
C GLY B 431 2.82 -8.68 2.06
N GLY B 432 2.90 -7.87 1.02
CA GLY B 432 3.73 -8.17 -0.15
C GLY B 432 3.44 -9.47 -0.88
N ILE B 433 2.19 -9.94 -0.78
CA ILE B 433 1.73 -11.18 -1.41
C ILE B 433 0.33 -10.86 -1.95
N HIS B 434 0.05 -11.27 -3.20
CA HIS B 434 -1.31 -11.29 -3.77
C HIS B 434 -1.70 -12.74 -4.05
N VAL B 435 -2.68 -13.24 -3.30
CA VAL B 435 -3.16 -14.63 -3.41
C VAL B 435 -4.62 -14.64 -3.90
N VAL B 436 -4.96 -15.63 -4.72
CA VAL B 436 -6.30 -15.81 -5.27
C VAL B 436 -6.69 -17.27 -5.05
N TYR B 437 -7.76 -17.48 -4.27
CA TYR B 437 -8.28 -18.80 -3.96
C TYR B 437 -9.47 -19.15 -4.86
N ASP B 438 -9.57 -20.43 -5.26
CA ASP B 438 -10.80 -21.01 -5.83
C ASP B 438 -11.27 -22.10 -4.87
N LEU B 439 -12.29 -21.79 -4.07
CA LEU B 439 -12.80 -22.69 -3.02
C LEU B 439 -13.56 -23.91 -3.54
N SER B 440 -14.12 -23.86 -4.75
CA SER B 440 -14.79 -25.02 -5.38
C SER B 440 -13.86 -26.21 -5.68
N ARG B 441 -12.56 -25.93 -5.81
CA ARG B 441 -11.52 -26.97 -5.92
C ARG B 441 -11.33 -27.69 -4.58
N LYS B 442 -10.71 -28.87 -4.64
CA LYS B 442 -10.51 -29.71 -3.45
C LYS B 442 -9.36 -29.15 -2.58
N PRO B 443 -9.38 -29.41 -1.24
CA PRO B 443 -8.28 -28.92 -0.37
C PRO B 443 -6.91 -29.50 -0.75
N GLY B 444 -5.87 -28.66 -0.67
CA GLY B 444 -4.55 -28.94 -1.22
C GLY B 444 -4.30 -28.46 -2.65
N ASP B 445 -5.35 -27.96 -3.34
CA ASP B 445 -5.23 -27.38 -4.70
C ASP B 445 -6.17 -26.16 -4.94
N ARG B 446 -6.45 -25.40 -3.87
CA ARG B 446 -7.33 -24.21 -3.93
C ARG B 446 -6.65 -22.89 -4.32
N VAL B 447 -5.31 -22.85 -4.31
CA VAL B 447 -4.53 -21.64 -4.66
C VAL B 447 -4.36 -21.64 -6.19
N VAL B 448 -5.06 -20.72 -6.87
CA VAL B 448 -5.01 -20.59 -8.35
C VAL B 448 -4.05 -19.51 -8.88
N LYS B 449 -3.87 -18.42 -8.11
CA LYS B 449 -2.87 -17.38 -8.40
C LYS B 449 -2.13 -17.04 -7.10
N LEU B 450 -0.82 -16.87 -7.18
CA LEU B 450 0.00 -16.53 -6.03
C LEU B 450 1.23 -15.76 -6.50
N ASP B 451 1.15 -14.44 -6.35
CA ASP B 451 2.18 -13.50 -6.80
C ASP B 451 2.79 -12.86 -5.56
N VAL B 452 4.11 -12.66 -5.59
CA VAL B 452 4.87 -12.08 -4.47
C VAL B 452 5.84 -11.01 -4.96
N LEU B 453 6.19 -10.06 -4.08
CA LEU B 453 7.18 -9.02 -4.39
C LEU B 453 8.57 -9.62 -4.61
N CYS B 454 9.18 -9.31 -5.76
CA CYS B 454 10.55 -9.72 -6.04
C CYS B 454 11.55 -9.00 -5.14
N THR B 455 12.72 -9.61 -4.95
CA THR B 455 13.82 -9.06 -4.13
C THR B 455 15.11 -8.78 -4.93
N LYS B 456 15.50 -9.67 -5.86
CA LYS B 456 16.60 -9.42 -6.84
C LYS B 456 16.00 -8.67 -8.04
N CYS B 457 15.71 -7.40 -7.82
CA CYS B 457 15.07 -6.51 -8.80
C CYS B 457 15.13 -5.07 -8.27
N ARG B 458 15.30 -4.10 -9.17
CA ARG B 458 15.55 -2.71 -8.77
C ARG B 458 14.27 -2.03 -8.28
N VAL B 459 13.22 -2.15 -9.08
CA VAL B 459 11.85 -1.79 -8.69
C VAL B 459 11.10 -3.07 -8.28
N PRO B 460 10.51 -3.09 -7.06
CA PRO B 460 9.68 -4.26 -6.68
C PRO B 460 8.34 -4.29 -7.42
N SER B 461 8.05 -5.43 -8.05
CA SER B 461 6.72 -5.75 -8.58
C SER B 461 6.29 -7.14 -8.15
N TYR B 462 5.01 -7.39 -8.28
CA TYR B 462 4.43 -8.69 -7.90
C TYR B 462 4.59 -9.65 -9.08
N ASP B 463 5.55 -10.56 -8.93
CA ASP B 463 5.82 -11.64 -9.89
C ASP B 463 5.27 -12.97 -9.35
N PRO B 464 4.92 -13.93 -10.25
CA PRO B 464 4.45 -15.24 -9.77
C PRO B 464 5.48 -16.01 -8.95
N LEU B 465 5.00 -16.68 -7.91
CA LEU B 465 5.86 -17.45 -7.01
C LEU B 465 6.39 -18.67 -7.77
N LYS B 466 7.70 -18.88 -7.72
CA LYS B 466 8.37 -20.05 -8.28
C LYS B 466 8.57 -21.04 -7.14
N MET B 467 8.35 -22.33 -7.42
CA MET B 467 8.39 -23.40 -6.40
C MET B 467 9.81 -23.64 -5.89
N ASP B 468 10.77 -23.73 -6.82
CA ASP B 468 12.20 -23.89 -6.48
C ASP B 468 12.90 -22.63 -5.90
N GLU B 469 12.34 -21.44 -6.10
CA GLU B 469 12.95 -20.19 -5.59
C GLU B 469 12.66 -20.03 -4.09
N VAL B 470 13.59 -19.33 -3.42
CA VAL B 470 13.60 -19.13 -1.96
C VAL B 470 13.21 -17.68 -1.64
N TYR B 471 12.37 -17.50 -0.63
CA TYR B 471 11.80 -16.21 -0.23
C TYR B 471 12.02 -15.96 1.25
N LYS B 472 12.22 -14.68 1.60
CA LYS B 472 12.36 -14.23 2.98
C LYS B 472 11.02 -13.62 3.44
N VAL B 473 10.51 -14.12 4.56
CA VAL B 473 9.18 -13.77 5.08
C VAL B 473 9.28 -13.41 6.56
N ILE B 474 8.51 -12.39 6.98
CA ILE B 474 8.34 -12.04 8.41
C ILE B 474 6.96 -12.57 8.86
N LEU B 475 6.95 -13.22 10.02
CA LEU B 475 5.73 -13.88 10.52
C LEU B 475 5.76 -14.01 12.04
N PRO B 476 4.59 -14.27 12.67
CA PRO B 476 4.60 -14.52 14.11
C PRO B 476 5.39 -15.80 14.46
N ASN B 477 6.11 -15.78 15.59
CA ASN B 477 6.84 -16.97 16.07
C ASN B 477 5.93 -18.19 16.33
N PHE B 478 4.66 -17.94 16.61
CA PHE B 478 3.60 -18.96 16.61
C PHE B 478 3.60 -19.79 15.32
N LEU B 479 3.65 -19.11 14.17
CA LEU B 479 3.72 -19.78 12.87
C LEU B 479 5.07 -20.43 12.57
N ALA B 480 6.16 -19.76 12.95
CA ALA B 480 7.53 -20.30 12.78
C ALA B 480 7.76 -21.61 13.57
N ASN B 481 7.27 -21.65 14.82
CA ASN B 481 7.33 -22.82 15.70
C ASN B 481 6.27 -23.92 15.43
N GLY B 482 5.41 -23.72 14.43
CA GLY B 482 4.52 -24.75 13.90
C GLY B 482 3.06 -24.70 14.37
N GLY B 483 2.61 -23.55 14.88
CA GLY B 483 1.24 -23.39 15.36
C GLY B 483 0.24 -23.35 14.21
N ASP B 484 -1.04 -23.50 14.55
CA ASP B 484 -2.16 -23.57 13.58
C ASP B 484 -2.03 -24.68 12.51
N GLY B 485 -1.39 -25.78 12.89
CA GLY B 485 -1.07 -26.88 11.97
C GLY B 485 -0.18 -26.54 10.78
N PHE B 486 0.62 -25.48 10.88
CA PHE B 486 1.57 -25.08 9.83
C PHE B 486 2.89 -25.85 10.08
N GLN B 487 2.81 -27.17 9.92
CA GLN B 487 3.95 -28.07 10.19
C GLN B 487 5.01 -27.95 9.09
N MET B 488 4.58 -27.66 7.86
CA MET B 488 5.49 -27.41 6.73
C MET B 488 6.45 -26.24 6.96
N ILE B 489 6.04 -25.22 7.72
CA ILE B 489 6.91 -24.08 8.02
C ILE B 489 8.03 -24.51 8.97
N LYS B 490 7.67 -25.10 10.12
CA LYS B 490 8.65 -25.52 11.14
C LYS B 490 9.68 -26.51 10.61
N ASP B 491 9.21 -27.50 9.85
CA ASP B 491 10.06 -28.56 9.30
C ASP B 491 10.93 -28.07 8.15
N GLU B 492 10.30 -27.46 7.13
CA GLU B 492 10.98 -27.11 5.86
C GLU B 492 11.67 -25.73 5.80
N LEU B 493 11.63 -24.93 6.88
CA LEU B 493 12.32 -23.62 6.89
C LEU B 493 13.85 -23.77 6.86
N LEU B 494 14.51 -22.78 6.27
CA LEU B 494 15.97 -22.79 6.05
C LEU B 494 16.76 -21.91 7.02
N ARG B 495 16.16 -20.79 7.45
CA ARG B 495 16.68 -19.96 8.55
C ARG B 495 15.51 -19.49 9.42
N HIS B 496 15.79 -19.23 10.69
CA HIS B 496 14.79 -18.71 11.64
C HIS B 496 15.44 -17.82 12.72
N ASP B 497 15.31 -16.50 12.56
CA ASP B 497 15.81 -15.51 13.53
C ASP B 497 14.66 -14.98 14.40
N SER B 498 14.93 -14.78 15.69
CA SER B 498 13.96 -14.13 16.59
C SER B 498 13.86 -12.65 16.22
N GLY B 499 12.64 -12.10 16.28
CA GLY B 499 12.38 -10.69 15.99
C GLY B 499 12.04 -9.88 17.24
N ASP B 500 11.42 -8.73 17.00
CA ASP B 500 10.98 -7.81 18.06
C ASP B 500 9.62 -8.23 18.60
N GLN B 501 9.26 -7.64 19.76
CA GLN B 501 8.04 -7.99 20.48
C GLN B 501 6.81 -7.46 19.71
N ASP B 502 5.82 -8.33 19.48
CA ASP B 502 4.69 -8.04 18.55
C ASP B 502 3.96 -6.71 18.77
N ILE B 503 3.56 -6.46 20.02
CA ILE B 503 2.82 -5.24 20.39
C ILE B 503 3.68 -3.98 20.27
N ASN B 504 4.96 -4.08 20.64
CA ASN B 504 5.95 -3.00 20.46
C ASN B 504 6.16 -2.61 18.97
N VAL B 505 6.16 -3.60 18.08
CA VAL B 505 6.26 -3.37 16.62
C VAL B 505 5.12 -2.49 16.10
N VAL B 506 3.90 -2.81 16.51
CA VAL B 506 2.69 -2.12 16.02
C VAL B 506 2.56 -0.71 16.64
N SER B 507 2.93 -0.55 17.92
CA SER B 507 2.88 0.77 18.60
C SER B 507 3.94 1.75 18.05
N THR B 508 5.15 1.26 17.84
CA THR B 508 6.24 1.97 17.16
C THR B 508 5.81 2.50 15.79
N TYR B 509 5.21 1.61 14.99
CA TYR B 509 4.66 1.96 13.67
C TYR B 509 3.57 3.04 13.75
N ILE B 510 2.63 2.89 14.68
CA ILE B 510 1.54 3.86 14.86
C ILE B 510 2.06 5.22 15.35
N SER B 511 2.99 5.20 16.32
CA SER B 511 3.73 6.39 16.77
C SER B 511 4.47 7.12 15.63
N LYS B 512 5.02 6.34 14.71
CA LYS B 512 5.71 6.87 13.52
C LYS B 512 4.73 7.53 12.55
N MET B 513 3.68 6.78 12.17
CA MET B 513 2.69 7.24 11.19
C MET B 513 1.77 8.35 11.69
N LYS B 514 1.48 8.38 13.00
CA LYS B 514 0.58 9.36 13.65
C LYS B 514 -0.92 9.11 13.30
N VAL B 515 -1.26 9.21 12.02
CA VAL B 515 -2.62 8.98 11.50
C VAL B 515 -2.56 7.79 10.54
N ILE B 516 -3.35 6.76 10.84
CA ILE B 516 -3.41 5.52 10.02
C ILE B 516 -4.79 5.34 9.36
N TYR B 517 -4.78 4.75 8.18
CA TYR B 517 -5.96 4.64 7.31
C TYR B 517 -5.89 3.39 6.40
N PRO B 518 -5.59 2.21 6.99
CA PRO B 518 -5.38 1.01 6.15
C PRO B 518 -6.67 0.53 5.51
N ALA B 519 -6.55 0.04 4.28
CA ALA B 519 -7.66 -0.35 3.43
C ALA B 519 -7.63 -1.84 3.13
N VAL B 520 -8.76 -2.34 2.62
CA VAL B 520 -8.85 -3.61 1.92
C VAL B 520 -8.46 -3.28 0.48
N GLU B 521 -7.39 -3.91 0.00
CA GLU B 521 -6.73 -3.58 -1.28
C GLU B 521 -6.81 -4.64 -2.39
N GLY B 522 -7.37 -5.82 -2.13
CA GLY B 522 -7.29 -6.96 -3.08
C GLY B 522 -6.02 -7.81 -2.97
N ARG B 523 -5.39 -7.80 -1.80
CA ARG B 523 -4.31 -8.74 -1.44
C ARG B 523 -4.78 -10.19 -1.41
N ILE B 524 -6.02 -10.42 -0.95
CA ILE B 524 -6.66 -11.73 -0.97
C ILE B 524 -7.96 -11.61 -1.76
N LYS B 525 -8.05 -12.34 -2.85
CA LYS B 525 -9.25 -12.44 -3.69
C LYS B 525 -9.76 -13.88 -3.76
N PHE B 526 -11.02 -14.03 -4.17
CA PHE B 526 -11.63 -15.33 -4.49
C PHE B 526 -12.13 -15.33 -5.94
N SER B 527 -12.13 -16.50 -6.58
CA SER B 527 -12.51 -16.63 -8.00
C SER B 527 -13.34 -17.90 -8.24
N HIS B 528 -14.32 -17.79 -9.14
CA HIS B 528 -15.08 -18.93 -9.68
C HIS B 528 -14.88 -18.93 -11.20
N HIS B 529 -13.95 -19.77 -11.68
CA HIS B 529 -13.65 -19.91 -13.11
C HIS B 529 -14.31 -21.18 -13.63
ZN ZN C . 11.63 18.93 -22.76
ZN ZN D . 9.40 20.55 -24.68
CA CA E . 17.97 23.73 -50.33
C1 NAG F . 31.39 4.41 -24.53
C2 NAG F . 31.74 3.02 -23.98
C3 NAG F . 32.30 2.10 -25.08
C4 NAG F . 31.48 2.15 -26.38
C5 NAG F . 31.23 3.59 -26.80
C6 NAG F . 30.35 3.65 -28.06
C7 NAG F . 32.61 3.07 -21.59
C8 NAG F . 31.30 2.73 -20.94
N2 NAG F . 32.74 3.18 -22.92
O3 NAG F . 32.33 0.75 -24.61
O4 NAG F . 32.15 1.41 -27.42
O5 NAG F . 30.60 4.30 -25.72
O6 NAG F . 29.96 5.00 -28.32
O7 NAG F . 33.57 3.25 -20.87
C5 A1JCG G . 7.90 16.91 -22.51
C6 A1JCG G . 8.91 15.75 -22.73
C7 A1JCG G . 9.83 15.33 -21.62
N10 A1JCG G . 10.83 14.08 -20.23
C12 A1JCG G . 6.95 16.89 -23.73
O14 A1JCG G . 7.12 16.72 -21.31
C15 A1JCG G . 6.01 17.60 -21.03
C16 A1JCG G . 5.14 17.02 -19.93
C19 A1JCG G . 4.55 17.82 -17.81
N22 A1JCG G . 5.10 20.28 -18.16
C23 A1JCG G . 5.02 21.36 -17.44
C24 A1JCG G . 4.50 21.03 -16.15
C27 A1JCG G . 4.48 24.12 -15.64
C30 A1JCG G . 4.64 26.42 -14.87
C31 A1JCG G . 3.64 25.33 -15.27
C33 A1JCG G . 3.49 19.66 -13.98
C36 A1JCG G . 4.28 19.63 -16.17
C37 A1JCG G . 3.25 17.55 -18.59
C40 A1JCG G . 3.73 17.62 -20.05
O42 A1JCG G . 2.96 16.82 -20.96
O1 A1JCG G . 9.61 18.59 -23.63
P2 A1JCG G . 8.75 18.52 -22.42
O3 A1JCG G . 7.75 19.76 -22.54
O4 A1JCG G . 9.61 18.65 -21.08
N8 A1JCG G . 10.76 16.04 -20.97
N9 A1JCG G . 11.34 15.26 -20.12
N11 A1JCG G . 9.93 14.09 -21.15
O13 A1JCG G . 6.04 15.80 -23.65
O18 A1JCG G . 5.66 17.50 -18.68
N21 A1JCG G . 4.64 19.21 -17.40
C25 A1JCG G . 4.17 21.71 -14.91
N26 A1JCG G . 4.30 23.05 -14.65
C28 A1JCG G . 5.97 24.56 -15.59
C29 A1JCG G . 5.91 26.09 -15.70
N32 A1JCG G . 3.68 20.97 -13.89
CL34 A1JCG G . 2.86 18.75 -12.61
N35 A1JCG G . 3.79 19.00 -15.10
O39 A1JCG G . 2.82 16.26 -18.20
P PO4 H . -0.51 32.10 -19.64
O1 PO4 H . -1.66 33.07 -19.51
O2 PO4 H . -1.03 30.68 -19.68
O3 PO4 H . 0.20 32.37 -20.95
O4 PO4 H . 0.46 32.30 -18.50
P PO4 I . 27.79 35.42 -19.98
O1 PO4 I . 27.45 36.84 -20.39
O2 PO4 I . 28.65 35.42 -18.73
O3 PO4 I . 26.48 34.70 -19.70
O4 PO4 I . 28.54 34.74 -21.09
ZN ZN J . -11.60 -18.71 22.71
ZN ZN K . -10.68 -21.97 22.68
CA CA L . -30.20 -38.59 31.78
C1 NAG M . -31.60 -4.70 24.59
C2 NAG M . -32.20 -3.68 23.61
C3 NAG M . -33.69 -3.90 23.32
C4 NAG M . -34.06 -5.38 23.13
C5 NAG M . -33.41 -6.23 24.25
C6 NAG M . -33.72 -7.72 24.09
C7 NAG M . -31.19 -1.37 23.73
C8 NAG M . -30.39 -1.53 22.47
N2 NAG M . -31.98 -2.36 24.18
O3 NAG M . -34.05 -3.20 22.12
O4 NAG M . -35.48 -5.54 23.14
O5 NAG M . -31.99 -6.03 24.24
O6 NAG M . -33.18 -8.21 22.86
O7 NAG M . -31.14 -0.33 24.36
C5 A1JCG N . -10.31 -19.71 18.76
C6 A1JCG N . -11.61 -18.92 18.50
C7 A1JCG N . -11.62 -17.42 18.72
N10 A1JCG N . -11.92 -15.37 18.37
C12 A1JCG N . -10.54 -21.14 18.23
O14 A1JCG N . -9.20 -19.11 18.05
C15 A1JCG N . -7.94 -19.80 17.94
C16 A1JCG N . -7.02 -19.13 16.93
C19 A1JCG N . -4.93 -18.10 17.14
N22 A1JCG N . -4.24 -19.02 19.39
C23 A1JCG N . -3.20 -18.92 20.15
C24 A1JCG N . -2.23 -18.08 19.53
C27 A1JCG N . -0.28 -18.69 21.99
C30 A1JCG N . 1.45 -19.79 23.32
C31 A1JCG N . 0.82 -19.75 21.91
C33 A1JCG N . -0.96 -16.42 17.72
C36 A1JCG N . -2.81 -17.69 18.30
C37 A1JCG N . -4.77 -19.25 16.14
C40 A1JCG N . -5.95 -20.15 16.51
O42 A1JCG N . -6.41 -20.96 15.42
O1 A1JCG N . -11.14 -20.33 21.22
P2 A1JCG N . -9.92 -19.83 20.54
O3 A1JCG N . -8.74 -20.88 20.83
O4 A1JCG N . -9.50 -18.42 21.17
N8 A1JCG N . -11.32 -16.72 19.84
N9 A1JCG N . -11.50 -15.48 19.58
N11 A1JCG N . -12.02 -16.54 17.85
O13 A1JCG N . -10.60 -21.17 16.80
O18 A1JCG N . -6.29 -18.10 17.61
N21 A1JCG N . -4.03 -18.27 18.25
C25 A1JCG N . -0.91 -17.55 19.79
N26 A1JCG N . -0.09 -17.75 20.90
C28 A1JCG N . -0.12 -17.96 23.33
C29 A1JCG N . 0.42 -19.08 24.24
N32 A1JCG N . -0.36 -16.75 18.85
CL34 A1JCG N . -0.14 -15.38 16.58
N35 A1JCG N . -2.16 -16.89 17.44
O39 A1JCG N . -4.85 -18.67 14.84
P PO4 O . 3.98 -27.46 24.63
O1 PO4 O . 4.31 -26.43 23.57
O2 PO4 O . 3.84 -26.77 25.97
O3 PO4 O . 2.70 -28.16 24.29
O4 PO4 O . 5.09 -28.47 24.74
P PO4 P . -10.70 -14.63 45.67
O1 PO4 P . -10.32 -13.18 45.86
O2 PO4 P . -12.21 -14.77 45.76
O3 PO4 P . -10.19 -15.11 44.32
O4 PO4 P . -10.06 -15.48 46.74
#